data_6D0O
#
_entry.id   6D0O
#
_cell.length_a   153.014
_cell.length_b   153.014
_cell.length_c   156.845
_cell.angle_alpha   90.00
_cell.angle_beta   90.00
_cell.angle_gamma   90.00
#
_symmetry.space_group_name_H-M   'I 41'
#
loop_
_entity.id
_entity.type
_entity.pdbx_description
1 polymer (R)-phenoxypropionate/alpha-ketoglutarate-dioxygenase
2 non-polymer 'COBALT (II) ION'
3 non-polymer '2-OXOGLUTARIC ACID'
4 water water
#
_entity_poly.entity_id   1
_entity_poly.type   'polypeptide(L)'
_entity_poly.pdbx_seq_one_letter_code
;MHAALSPLSQRFERIAVQPLTGVLGAEITGVDLREPLDDSTWNEILDAFHTYQVIYFPGQAITNEQHIAFSRRFGPVDPV
PLLKSIEGYPEVQMIRREGDESGRVIGDDWHTDSTFLDAPPAAVVMRAIDVPEHGGDTGFLSMYTAWETLSPTMQATIEG
LNVVHSATRVFGSLYQAQNRRFSNTSVKVMDVDAGDRETVHPLVVTHPGSGRKGLYVNQVYCQRIEGMSEKESEPLLSFL
FAHATKPEFTCRVRWKKDQVVVWDNLCTMHYAINDYHGQTRILHRTTVGGVRPARHHHHHH
;
_entity_poly.pdbx_strand_id   A,B,C,D
#
loop_
_chem_comp.id
_chem_comp.type
_chem_comp.name
_chem_comp.formula
AKG non-polymer '2-OXOGLUTARIC ACID' 'C5 H6 O5'
CO non-polymer 'COBALT (II) ION' 'Co 2'
#
# COMPACT_ATOMS: atom_id res chain seq x y z
N GLN A 10 13.98 -30.09 25.43
CA GLN A 10 15.10 -31.10 25.62
C GLN A 10 15.78 -31.01 27.03
N ARG A 11 16.70 -31.96 27.31
CA ARG A 11 17.51 -32.00 28.58
C ARG A 11 18.85 -31.20 28.68
N PHE A 12 18.82 -30.29 29.64
CA PHE A 12 20.00 -29.49 29.99
C PHE A 12 20.44 -29.89 31.40
N GLU A 13 21.66 -30.43 31.53
CA GLU A 13 22.26 -30.80 32.84
C GLU A 13 23.30 -29.81 33.35
N ARG A 14 24.02 -29.18 32.43
CA ARG A 14 25.10 -28.29 32.79
C ARG A 14 24.71 -26.82 32.89
N ILE A 15 23.63 -26.41 32.20
CA ILE A 15 23.09 -25.03 32.28
C ILE A 15 21.63 -25.06 32.64
N ALA A 16 21.12 -23.94 33.14
CA ALA A 16 19.67 -23.76 33.28
C ALA A 16 19.15 -22.82 32.14
N VAL A 17 18.15 -23.31 31.40
CA VAL A 17 17.54 -22.63 30.27
C VAL A 17 16.07 -22.29 30.57
N GLN A 18 15.70 -20.99 30.59
CA GLN A 18 14.31 -20.54 30.72
C GLN A 18 13.82 -19.85 29.42
N PRO A 19 13.02 -20.54 28.59
CA PRO A 19 12.55 -19.89 27.36
C PRO A 19 11.70 -18.66 27.63
N LEU A 20 11.86 -17.66 26.76
CA LEU A 20 11.22 -16.41 26.94
C LEU A 20 9.80 -16.40 26.34
N THR A 21 9.58 -17.16 25.26
CA THR A 21 8.29 -17.19 24.53
C THR A 21 8.18 -18.55 23.89
N GLY A 22 7.07 -18.77 23.17
CA GLY A 22 6.88 -20.05 22.44
C GLY A 22 7.59 -20.03 21.10
N VAL A 23 8.27 -18.95 20.72
CA VAL A 23 8.88 -18.89 19.39
C VAL A 23 10.39 -18.80 19.44
N LEU A 24 10.91 -17.87 20.21
CA LEU A 24 12.36 -17.75 20.34
C LEU A 24 12.73 -17.02 21.62
N GLY A 25 14.01 -17.10 21.97
CA GLY A 25 14.57 -16.38 23.12
C GLY A 25 14.67 -17.28 24.34
N ALA A 26 15.82 -17.28 25.01
CA ALA A 26 15.95 -17.97 26.28
C ALA A 26 17.04 -17.37 27.17
N GLU A 27 16.71 -17.36 28.45
CA GLU A 27 17.60 -16.98 29.54
C GLU A 27 18.46 -18.20 29.91
N ILE A 28 19.79 -18.01 29.92
CA ILE A 28 20.72 -19.04 30.32
C ILE A 28 21.41 -18.63 31.62
N THR A 29 21.28 -19.47 32.65
CA THR A 29 21.96 -19.30 33.93
C THR A 29 22.72 -20.57 34.35
N GLY A 30 23.43 -20.46 35.51
CA GLY A 30 24.22 -21.58 36.05
C GLY A 30 25.55 -21.72 35.33
N VAL A 31 26.10 -20.62 34.84
CA VAL A 31 27.42 -20.63 34.24
C VAL A 31 28.11 -19.29 34.56
N ASP A 32 29.44 -19.38 34.60
CA ASP A 32 30.31 -18.27 34.87
C ASP A 32 31.15 -18.04 33.65
N LEU A 33 30.80 -17.00 32.89
CA LEU A 33 31.53 -16.71 31.64
C LEU A 33 32.91 -16.09 31.85
N ARG A 34 33.27 -15.78 33.12
CA ARG A 34 34.68 -15.42 33.45
C ARG A 34 35.61 -16.61 33.26
N GLU A 35 35.06 -17.83 33.34
CA GLU A 35 35.81 -19.09 33.26
C GLU A 35 35.73 -19.76 31.89
N PRO A 36 36.76 -20.56 31.54
CA PRO A 36 36.59 -21.45 30.38
C PRO A 36 35.45 -22.45 30.59
N LEU A 37 34.82 -22.83 29.48
CA LEU A 37 33.66 -23.70 29.50
C LEU A 37 34.14 -25.08 29.12
N ASP A 38 33.76 -26.08 29.90
CA ASP A 38 34.11 -27.48 29.45
C ASP A 38 33.27 -27.85 28.22
N ASP A 39 33.59 -28.97 27.58
CA ASP A 39 32.97 -29.38 26.33
C ASP A 39 31.46 -29.60 26.45
N SER A 40 31.08 -30.34 27.47
CA SER A 40 29.69 -30.64 27.72
C SER A 40 28.82 -29.37 27.95
N THR A 41 29.33 -28.39 28.68
CA THR A 41 28.64 -27.11 28.97
C THR A 41 28.54 -26.25 27.66
N TRP A 42 29.63 -26.19 26.90
CA TRP A 42 29.61 -25.50 25.66
C TRP A 42 28.59 -26.12 24.72
N ASN A 43 28.57 -27.44 24.63
CA ASN A 43 27.68 -28.12 23.68
C ASN A 43 26.22 -27.83 24.01
N GLU A 44 25.89 -27.70 25.29
CA GLU A 44 24.53 -27.34 25.70
C GLU A 44 24.19 -25.89 25.36
N ILE A 45 25.17 -24.99 25.51
CA ILE A 45 24.97 -23.61 25.13
C ILE A 45 24.74 -23.52 23.63
N LEU A 46 25.49 -24.28 22.84
CA LEU A 46 25.35 -24.24 21.40
C LEU A 46 23.99 -24.81 20.99
N ASP A 47 23.54 -25.89 21.65
CA ASP A 47 22.26 -26.43 21.24
CA ASP A 47 22.26 -26.45 21.38
C ASP A 47 21.17 -25.42 21.68
N ALA A 48 21.25 -24.76 22.83
CA ALA A 48 20.28 -23.75 23.24
C ALA A 48 20.28 -22.58 22.22
N PHE A 49 21.45 -22.16 21.77
CA PHE A 49 21.58 -21.15 20.72
C PHE A 49 20.86 -21.56 19.41
N HIS A 50 21.09 -22.78 18.98
CA HIS A 50 20.49 -23.30 17.79
C HIS A 50 18.98 -23.41 17.89
N THR A 51 18.47 -23.75 19.04
CA THR A 51 17.04 -23.86 19.27
C THR A 51 16.37 -22.50 19.48
N TYR A 52 16.91 -21.70 20.38
CA TYR A 52 16.28 -20.48 20.86
C TYR A 52 16.66 -19.22 20.10
N GLN A 53 17.77 -19.27 19.38
CA GLN A 53 18.16 -18.28 18.35
C GLN A 53 18.65 -16.95 18.91
N VAL A 54 18.09 -16.52 20.02
CA VAL A 54 18.67 -15.42 20.78
C VAL A 54 18.72 -15.88 22.24
N ILE A 55 19.91 -15.82 22.81
CA ILE A 55 20.09 -16.24 24.20
C ILE A 55 20.76 -15.12 25.01
N TYR A 56 20.40 -15.01 26.27
CA TYR A 56 20.94 -13.99 27.13
C TYR A 56 21.34 -14.55 28.52
N PHE A 57 22.45 -14.03 29.05
CA PHE A 57 23.12 -14.50 30.26
C PHE A 57 23.15 -13.35 31.23
N PRO A 58 22.23 -13.31 32.20
CA PRO A 58 22.29 -12.21 33.19
C PRO A 58 23.49 -12.36 34.11
N GLY A 59 23.95 -11.25 34.64
CA GLY A 59 24.97 -11.32 35.74
C GLY A 59 26.36 -11.84 35.38
N GLN A 60 26.91 -11.34 34.29
CA GLN A 60 28.18 -11.81 33.78
C GLN A 60 29.10 -10.62 33.68
N ALA A 61 29.73 -10.30 34.80
CA ALA A 61 30.60 -9.14 34.91
C ALA A 61 31.95 -9.59 34.42
N ILE A 62 32.14 -9.56 33.09
CA ILE A 62 33.30 -10.10 32.46
C ILE A 62 34.22 -9.04 31.91
N THR A 63 35.38 -9.43 31.46
CA THR A 63 36.34 -8.55 30.86
C THR A 63 36.27 -8.63 29.34
N ASN A 64 36.99 -7.71 28.69
CA ASN A 64 37.12 -7.74 27.26
C ASN A 64 37.66 -9.07 26.71
N GLU A 65 38.77 -9.59 27.29
CA GLU A 65 39.39 -10.82 26.79
C GLU A 65 38.42 -11.97 27.00
N GLN A 66 37.71 -11.99 28.12
CA GLN A 66 36.73 -13.05 28.38
C GLN A 66 35.51 -13.01 27.35
N HIS A 67 35.08 -11.80 27.00
CA HIS A 67 34.01 -11.56 26.01
C HIS A 67 34.52 -12.13 24.67
N ILE A 68 35.75 -11.75 24.31
CA ILE A 68 36.35 -12.24 23.10
C ILE A 68 36.46 -13.78 23.09
N ALA A 69 36.88 -14.37 24.21
CA ALA A 69 37.12 -15.82 24.26
C ALA A 69 35.79 -16.60 24.16
N PHE A 70 34.77 -16.12 24.86
CA PHE A 70 33.41 -16.65 24.71
C PHE A 70 32.90 -16.60 23.25
N SER A 71 33.11 -15.45 22.61
CA SER A 71 32.72 -15.22 21.21
C SER A 71 33.37 -16.24 20.29
N ARG A 72 34.66 -16.51 20.53
CA ARG A 72 35.44 -17.43 19.69
C ARG A 72 34.89 -18.86 19.74
N ARG A 73 34.14 -19.23 20.77
CA ARG A 73 33.56 -20.56 20.75
C ARG A 73 32.56 -20.72 19.62
N PHE A 74 31.95 -19.62 19.14
CA PHE A 74 30.87 -19.66 18.14
C PHE A 74 31.43 -19.71 16.71
N GLY A 75 32.67 -19.25 16.50
CA GLY A 75 33.30 -19.14 15.19
C GLY A 75 34.37 -18.07 15.24
N PRO A 76 34.99 -17.76 14.09
CA PRO A 76 36.12 -16.82 14.10
C PRO A 76 35.67 -15.41 14.38
N VAL A 77 36.51 -14.64 15.07
CA VAL A 77 36.21 -13.23 15.36
C VAL A 77 37.44 -12.53 14.92
N ASP A 78 37.34 -11.47 14.13
CA ASP A 78 38.52 -11.00 13.39
CA ASP A 78 38.52 -10.99 13.38
C ASP A 78 39.21 -9.72 13.94
N PRO A 79 40.59 -9.71 13.93
CA PRO A 79 41.31 -8.44 14.30
C PRO A 79 40.88 -7.27 13.33
N VAL A 80 39.89 -6.53 13.81
CA VAL A 80 39.07 -5.69 12.92
C VAL A 80 39.71 -4.29 12.70
N PRO A 81 40.54 -3.76 13.65
CA PRO A 81 40.62 -2.32 14.06
C PRO A 81 39.73 -1.29 13.35
N LEU A 82 38.44 -1.38 13.65
CA LEU A 82 37.41 -0.51 13.04
C LEU A 82 37.40 0.82 13.85
N LEU A 83 36.74 1.87 13.38
CA LEU A 83 36.88 3.18 14.02
C LEU A 83 36.45 3.12 15.51
N LYS A 84 35.44 2.27 15.81
CA LYS A 84 34.88 2.19 17.14
C LYS A 84 35.49 0.98 17.87
N SER A 85 36.64 0.44 17.43
CA SER A 85 37.34 -0.61 18.20
C SER A 85 37.85 -0.14 19.55
N ILE A 86 37.71 -0.98 20.58
CA ILE A 86 38.22 -0.64 21.89
C ILE A 86 39.77 -0.70 21.88
N GLU A 87 40.39 0.33 22.44
CA GLU A 87 41.84 0.45 22.39
C GLU A 87 42.45 -0.73 23.22
N GLY A 88 43.32 -1.50 22.60
CA GLY A 88 43.92 -2.70 23.20
C GLY A 88 43.16 -4.01 22.96
N TYR A 89 41.96 -3.93 22.39
CA TYR A 89 41.05 -5.10 22.26
C TYR A 89 40.28 -4.98 20.93
N PRO A 90 41.01 -5.12 19.82
CA PRO A 90 40.45 -4.72 18.49
C PRO A 90 39.20 -5.51 18.07
N GLU A 91 38.99 -6.71 18.59
CA GLU A 91 37.79 -7.48 18.30
C GLU A 91 36.51 -6.95 18.97
N VAL A 92 36.61 -6.05 19.94
CA VAL A 92 35.47 -5.53 20.63
C VAL A 92 35.20 -4.11 20.10
N GLN A 93 33.92 -3.82 19.78
CA GLN A 93 33.53 -2.47 19.40
C GLN A 93 32.63 -1.86 20.42
N MET A 94 32.71 -0.54 20.56
CA MET A 94 31.75 0.16 21.39
C MET A 94 30.51 0.55 20.64
N ILE A 95 29.36 0.35 21.26
CA ILE A 95 28.09 0.69 20.68
C ILE A 95 27.52 1.67 21.67
N ARG A 96 27.34 2.87 21.18
CA ARG A 96 26.93 4.00 22.04
C ARG A 96 25.79 4.72 21.36
N ARG A 97 24.67 4.91 22.04
CA ARG A 97 23.40 5.32 21.34
C ARG A 97 22.68 6.48 22.02
N ILE A 106 20.54 -0.80 10.21
CA ILE A 106 20.60 0.15 11.26
C ILE A 106 19.24 0.23 12.00
N GLY A 107 19.33 -0.02 13.32
CA GLY A 107 18.41 0.49 14.33
C GLY A 107 16.92 0.15 14.50
N ASP A 108 16.12 1.22 14.29
CA ASP A 108 14.63 1.22 14.41
C ASP A 108 13.89 0.99 13.05
N ASP A 109 14.44 0.15 12.22
CA ASP A 109 13.58 -0.79 11.46
C ASP A 109 14.10 -2.19 11.72
N TRP A 110 13.23 -3.15 11.56
CA TRP A 110 13.60 -4.54 11.71
C TRP A 110 14.68 -4.85 10.67
N HIS A 111 15.75 -5.48 11.13
CA HIS A 111 16.89 -5.82 10.23
C HIS A 111 17.71 -6.89 10.86
N THR A 112 18.66 -7.39 10.12
CA THR A 112 19.78 -8.16 10.67
C THR A 112 21.02 -7.51 10.12
N ASP A 113 22.18 -7.78 10.74
CA ASP A 113 23.29 -6.84 10.53
C ASP A 113 24.09 -7.11 9.31
N SER A 114 24.36 -6.03 8.60
CA SER A 114 25.38 -5.98 7.54
C SER A 114 25.13 -6.94 6.38
N THR A 115 23.85 -7.05 5.95
CA THR A 115 23.48 -8.02 4.91
C THR A 115 23.97 -7.61 3.55
N PHE A 116 24.43 -6.38 3.43
CA PHE A 116 25.14 -5.90 2.25
C PHE A 116 26.51 -6.54 2.00
N LEU A 117 27.06 -7.22 2.97
CA LEU A 117 28.30 -8.01 2.79
C LEU A 117 28.04 -9.38 2.10
N ASP A 118 29.03 -9.88 1.34
CA ASP A 118 28.99 -11.14 0.71
C ASP A 118 28.86 -12.15 1.79
N ALA A 119 29.57 -11.94 2.92
CA ALA A 119 29.49 -12.89 4.03
C ALA A 119 29.19 -12.11 5.34
N PRO A 120 27.91 -11.87 5.65
CA PRO A 120 27.60 -11.16 6.88
C PRO A 120 27.96 -11.99 8.11
N PRO A 121 28.05 -11.34 9.29
CA PRO A 121 28.19 -12.08 10.53
C PRO A 121 27.23 -13.22 10.72
N ALA A 122 27.72 -14.32 11.32
CA ALA A 122 26.89 -15.41 11.73
C ALA A 122 26.23 -15.13 13.06
N ALA A 123 26.86 -14.32 13.91
CA ALA A 123 26.31 -14.08 15.23
C ALA A 123 26.92 -12.84 15.80
N VAL A 124 26.21 -12.27 16.75
CA VAL A 124 26.74 -11.16 17.48
C VAL A 124 26.60 -11.34 18.99
N VAL A 125 27.69 -11.00 19.69
CA VAL A 125 27.70 -11.10 21.11
C VAL A 125 27.92 -9.79 21.72
N MET A 126 26.90 -9.37 22.45
CA MET A 126 26.79 -8.02 22.90
C MET A 126 26.74 -8.06 24.44
N ARG A 127 27.39 -7.10 25.07
CA ARG A 127 27.41 -7.02 26.53
C ARG A 127 26.99 -5.66 26.98
N ALA A 128 26.10 -5.59 27.95
CA ALA A 128 25.74 -4.31 28.54
C ALA A 128 26.87 -3.85 29.54
N ILE A 129 27.32 -2.62 29.32
CA ILE A 129 28.28 -1.98 30.20
C ILE A 129 27.55 -1.00 31.11
N ASP A 130 26.83 -0.07 30.53
CA ASP A 130 26.07 0.89 31.29
C ASP A 130 24.75 1.17 30.55
N VAL A 131 23.63 0.70 31.10
CA VAL A 131 22.31 0.78 30.49
C VAL A 131 21.20 1.29 31.40
N PRO A 132 20.15 1.88 30.82
CA PRO A 132 19.03 2.39 31.64
C PRO A 132 18.37 1.30 32.51
N GLU A 133 17.82 1.70 33.64
CA GLU A 133 17.08 0.80 34.50
C GLU A 133 15.79 0.30 33.81
N HIS A 134 15.16 1.17 33.03
CA HIS A 134 14.03 0.80 32.17
C HIS A 134 14.09 1.62 30.88
N GLY A 135 13.83 0.93 29.77
CA GLY A 135 13.99 1.46 28.42
C GLY A 135 15.16 0.75 27.74
N GLY A 136 15.22 0.91 26.43
CA GLY A 136 16.30 0.32 25.63
C GLY A 136 16.25 -1.15 25.36
N ASP A 137 15.05 -1.73 25.44
CA ASP A 137 14.88 -3.12 25.03
C ASP A 137 15.27 -3.32 23.57
N THR A 138 15.51 -4.59 23.23
CA THR A 138 15.73 -4.98 21.85
C THR A 138 14.67 -6.01 21.51
N GLY A 139 13.94 -5.72 20.43
CA GLY A 139 13.10 -6.78 19.85
C GLY A 139 13.90 -7.76 18.99
N PHE A 140 13.50 -9.01 19.02
CA PHE A 140 14.02 -10.04 18.14
C PHE A 140 12.84 -10.80 17.49
N LEU A 141 13.08 -11.40 16.34
CA LEU A 141 12.09 -12.31 15.77
C LEU A 141 12.77 -13.47 15.08
N SER A 142 12.01 -14.56 14.87
CA SER A 142 12.54 -15.72 14.18
C SER A 142 12.16 -15.77 12.71
N MET A 143 13.12 -15.78 11.83
CA MET A 143 12.88 -16.02 10.42
C MET A 143 12.60 -17.46 10.05
N TYR A 144 12.84 -18.40 10.95
CA TYR A 144 12.39 -19.76 10.72
C TYR A 144 10.85 -19.72 10.76
N THR A 145 10.32 -19.15 11.84
CA THR A 145 8.89 -19.10 12.02
C THR A 145 8.21 -18.26 10.92
N ALA A 146 8.85 -17.17 10.49
CA ALA A 146 8.32 -16.37 9.39
C ALA A 146 8.17 -17.22 8.12
N TRP A 147 9.16 -18.05 7.83
CA TRP A 147 9.13 -18.91 6.67
C TRP A 147 8.05 -20.02 6.76
N GLU A 148 7.95 -20.58 7.94
CA GLU A 148 7.12 -21.78 8.19
C GLU A 148 5.65 -21.48 8.26
N THR A 149 5.30 -20.21 8.45
CA THR A 149 3.90 -19.81 8.49
C THR A 149 3.40 -19.32 7.11
N LEU A 150 4.24 -19.37 6.07
CA LEU A 150 3.80 -19.10 4.72
C LEU A 150 3.13 -20.38 4.17
N SER A 151 2.13 -20.18 3.31
CA SER A 151 1.44 -21.29 2.67
C SER A 151 2.42 -22.07 1.77
N PRO A 152 2.16 -23.36 1.54
CA PRO A 152 3.04 -24.11 0.62
C PRO A 152 3.15 -23.46 -0.74
N THR A 153 2.08 -22.87 -1.22
CA THR A 153 2.13 -22.23 -2.54
C THR A 153 2.97 -20.96 -2.51
N MET A 154 2.83 -20.16 -1.46
CA MET A 154 3.69 -18.97 -1.33
C MET A 154 5.15 -19.41 -1.26
N GLN A 155 5.40 -20.41 -0.43
CA GLN A 155 6.78 -20.95 -0.34
C GLN A 155 7.35 -21.37 -1.67
N ALA A 156 6.59 -22.17 -2.41
CA ALA A 156 7.07 -22.68 -3.72
C ALA A 156 7.27 -21.55 -4.68
N THR A 157 6.49 -20.49 -4.54
CA THR A 157 6.58 -19.35 -5.49
C THR A 157 7.85 -18.55 -5.31
N ILE A 158 8.32 -18.42 -4.07
CA ILE A 158 9.45 -17.52 -3.79
C ILE A 158 10.75 -18.20 -3.38
N GLU A 159 10.70 -19.49 -3.13
CA GLU A 159 11.87 -20.24 -2.62
C GLU A 159 13.12 -20.09 -3.49
N GLY A 160 12.95 -19.98 -4.80
CA GLY A 160 14.10 -19.89 -5.70
C GLY A 160 14.56 -18.47 -5.96
N LEU A 161 13.95 -17.46 -5.35
CA LEU A 161 14.33 -16.08 -5.69
C LEU A 161 15.59 -15.66 -4.93
N ASN A 162 16.34 -14.73 -5.49
CA ASN A 162 17.42 -14.07 -4.75
C ASN A 162 17.11 -12.61 -4.64
N VAL A 163 17.75 -11.94 -3.69
CA VAL A 163 17.47 -10.54 -3.39
C VAL A 163 18.77 -9.73 -3.38
N VAL A 164 18.71 -8.54 -3.94
CA VAL A 164 19.84 -7.63 -4.02
C VAL A 164 19.88 -6.81 -2.73
N HIS A 165 21.02 -6.89 -2.02
CA HIS A 165 21.22 -6.11 -0.81
C HIS A 165 22.30 -5.04 -1.07
N SER A 166 22.08 -3.84 -0.56
CA SER A 166 23.16 -2.84 -0.51
C SER A 166 22.92 -1.87 0.62
N ALA A 167 23.98 -1.10 0.95
CA ALA A 167 23.88 -0.09 1.96
C ALA A 167 23.54 1.29 1.39
N THR A 168 22.98 1.34 0.18
CA THR A 168 22.80 2.62 -0.47
C THR A 168 21.91 3.59 0.33
N ARG A 169 20.93 3.09 1.08
CA ARG A 169 20.02 3.98 1.87
C ARG A 169 20.58 4.31 3.27
N VAL A 170 21.68 3.68 3.65
CA VAL A 170 22.26 3.85 4.95
C VAL A 170 23.50 4.74 4.86
N PHE A 171 24.42 4.46 3.94
CA PHE A 171 25.57 5.33 3.71
C PHE A 171 26.06 5.45 2.28
N GLY A 172 25.21 5.14 1.30
CA GLY A 172 25.54 5.26 -0.14
C GLY A 172 24.80 6.46 -0.74
N SER A 173 24.60 6.41 -2.04
CA SER A 173 24.02 7.53 -2.78
C SER A 173 22.59 7.92 -2.39
N LEU A 174 21.75 6.95 -2.07
CA LEU A 174 20.37 7.30 -1.71
C LEU A 174 20.33 8.00 -0.35
N TYR A 175 21.13 7.53 0.60
CA TYR A 175 21.32 8.29 1.82
C TYR A 175 21.79 9.75 1.55
N GLN A 176 22.88 9.91 0.79
CA GLN A 176 23.43 11.25 0.48
C GLN A 176 22.39 12.15 -0.19
N ALA A 177 21.58 11.58 -1.06
CA ALA A 177 20.52 12.34 -1.71
C ALA A 177 19.32 12.80 -0.79
N GLN A 178 19.24 12.44 0.50
CA GLN A 178 18.61 13.41 1.52
C GLN A 178 19.40 14.74 2.12
N ASN A 179 18.76 15.87 1.82
CA ASN A 179 19.40 17.18 1.50
C ASN A 179 19.28 18.30 2.60
N ARG A 180 18.15 18.26 3.33
CA ARG A 180 17.77 18.95 4.61
C ARG A 180 17.99 20.45 4.71
N MET A 190 32.98 5.94 5.86
CA MET A 190 32.10 4.93 5.29
C MET A 190 32.36 4.62 3.81
N ASP A 191 32.39 5.66 2.99
CA ASP A 191 32.64 5.58 1.53
C ASP A 191 31.33 5.34 0.75
N VAL A 192 30.99 6.25 -0.19
CA VAL A 192 29.78 6.10 -1.02
C VAL A 192 29.80 4.88 -1.98
N ASP A 193 30.96 4.54 -2.56
CA ASP A 193 31.07 3.34 -3.40
C ASP A 193 30.78 2.07 -2.61
N ALA A 194 31.27 2.02 -1.37
CA ALA A 194 31.04 0.87 -0.54
C ALA A 194 29.54 0.79 -0.11
N GLY A 195 28.89 1.97 0.02
CA GLY A 195 27.49 2.08 0.32
C GLY A 195 26.62 1.54 -0.81
N ASP A 196 27.06 1.74 -2.05
CA ASP A 196 26.36 1.35 -3.27
C ASP A 196 26.64 -0.02 -3.75
N ARG A 197 27.68 -0.66 -3.24
CA ARG A 197 28.04 -1.96 -3.78
C ARG A 197 26.95 -2.99 -3.44
N GLU A 198 26.51 -3.72 -4.48
CA GLU A 198 25.43 -4.67 -4.33
C GLU A 198 25.96 -6.06 -4.06
N THR A 199 25.24 -6.84 -3.27
CA THR A 199 25.52 -8.26 -3.17
C THR A 199 24.18 -8.96 -3.33
N VAL A 200 24.19 -10.25 -3.64
CA VAL A 200 22.95 -10.98 -3.80
C VAL A 200 22.91 -12.15 -2.86
N HIS A 201 21.80 -12.32 -2.13
CA HIS A 201 21.61 -13.45 -1.23
C HIS A 201 20.31 -14.16 -1.57
N PRO A 202 20.22 -15.43 -1.23
CA PRO A 202 18.96 -16.11 -1.37
C PRO A 202 17.91 -15.54 -0.50
N LEU A 203 16.65 -15.61 -0.96
CA LEU A 203 15.50 -15.15 -0.24
C LEU A 203 15.20 -16.10 0.89
N VAL A 204 15.55 -17.35 0.69
CA VAL A 204 15.36 -18.39 1.67
C VAL A 204 16.72 -19.06 1.86
N VAL A 205 17.20 -19.11 3.10
CA VAL A 205 18.55 -19.62 3.39
C VAL A 205 18.47 -20.83 4.33
N THR A 206 19.48 -21.70 4.21
CA THR A 206 19.59 -22.85 5.07
C THR A 206 20.68 -22.52 6.09
N HIS A 207 20.32 -22.62 7.36
CA HIS A 207 21.27 -22.28 8.42
C HIS A 207 22.33 -23.42 8.44
N PRO A 208 23.60 -23.06 8.36
CA PRO A 208 24.65 -24.08 8.27
C PRO A 208 24.84 -24.96 9.51
N GLY A 209 24.43 -24.49 10.69
CA GLY A 209 24.47 -25.26 11.95
C GLY A 209 23.22 -26.03 12.27
N SER A 210 22.03 -25.44 12.09
CA SER A 210 20.79 -26.12 12.45
C SER A 210 20.27 -26.93 11.29
N GLY A 211 20.68 -26.61 10.05
CA GLY A 211 20.03 -27.21 8.87
C GLY A 211 18.59 -26.68 8.54
N ARG A 212 18.08 -25.68 9.26
CA ARG A 212 16.72 -25.18 9.04
C ARG A 212 16.67 -24.06 8.02
N LYS A 213 15.58 -24.00 7.29
CA LYS A 213 15.31 -22.94 6.35
C LYS A 213 14.65 -21.75 7.06
N GLY A 214 15.11 -20.58 6.68
CA GLY A 214 14.56 -19.35 7.15
C GLY A 214 14.48 -18.35 6.03
N LEU A 215 13.55 -17.42 6.20
CA LEU A 215 13.45 -16.27 5.32
C LEU A 215 14.62 -15.35 5.54
N TYR A 216 15.05 -14.67 4.50
CA TYR A 216 16.19 -13.77 4.62
C TYR A 216 15.97 -12.52 3.79
N VAL A 217 15.29 -11.55 4.39
CA VAL A 217 15.07 -10.32 3.76
C VAL A 217 14.90 -9.29 4.81
N ASN A 218 15.31 -8.05 4.49
CA ASN A 218 15.11 -6.95 5.41
C ASN A 218 14.96 -5.65 4.73
N GLN A 219 14.26 -4.74 5.36
CA GLN A 219 13.88 -3.46 4.71
C GLN A 219 15.03 -2.45 4.68
N VAL A 220 16.01 -2.61 5.55
CA VAL A 220 17.10 -1.68 5.58
C VAL A 220 18.04 -1.83 4.37
N TYR A 221 18.37 -3.06 4.05
CA TYR A 221 19.38 -3.33 3.01
C TYR A 221 18.82 -3.90 1.69
N CYS A 222 17.64 -4.53 1.70
CA CYS A 222 17.10 -5.12 0.45
C CYS A 222 16.55 -4.06 -0.48
N GLN A 223 16.99 -4.08 -1.75
CA GLN A 223 16.59 -3.13 -2.77
C GLN A 223 15.52 -3.69 -3.73
N ARG A 224 15.70 -4.95 -4.14
CA ARG A 224 14.88 -5.55 -5.15
C ARG A 224 15.20 -7.01 -5.25
N ILE A 225 14.32 -7.74 -5.89
CA ILE A 225 14.57 -9.13 -6.20
C ILE A 225 15.46 -9.18 -7.44
N GLU A 226 16.48 -10.01 -7.39
CA GLU A 226 17.40 -10.18 -8.51
C GLU A 226 16.66 -10.58 -9.75
N GLY A 227 16.75 -9.74 -10.76
CA GLY A 227 16.11 -9.96 -12.05
C GLY A 227 14.80 -9.23 -12.18
N MET A 228 14.31 -8.64 -11.10
CA MET A 228 13.07 -7.86 -11.15
C MET A 228 13.38 -6.39 -11.04
N SER A 229 12.47 -5.54 -11.45
CA SER A 229 12.57 -4.10 -11.14
C SER A 229 12.14 -3.88 -9.71
N GLU A 230 12.42 -2.67 -9.22
CA GLU A 230 12.02 -2.27 -7.89
C GLU A 230 10.56 -2.30 -7.75
N LYS A 231 9.84 -1.75 -8.71
CA LYS A 231 8.39 -1.81 -8.69
C LYS A 231 7.83 -3.20 -8.61
N GLU A 232 8.38 -4.09 -9.42
CA GLU A 232 7.98 -5.51 -9.41
C GLU A 232 8.25 -6.14 -8.09
N SER A 233 9.32 -5.72 -7.43
CA SER A 233 9.79 -6.39 -6.21
C SER A 233 9.03 -5.93 -4.98
N GLU A 234 8.60 -4.69 -4.99
CA GLU A 234 8.03 -4.01 -3.84
C GLU A 234 6.86 -4.73 -3.17
N PRO A 235 5.91 -5.25 -3.94
CA PRO A 235 4.79 -5.92 -3.30
C PRO A 235 5.18 -7.16 -2.53
N LEU A 236 6.00 -7.98 -3.14
CA LEU A 236 6.50 -9.13 -2.45
C LEU A 236 7.37 -8.79 -1.21
N LEU A 237 8.31 -7.87 -1.36
CA LEU A 237 9.20 -7.50 -0.24
C LEU A 237 8.37 -6.90 0.88
N SER A 238 7.42 -6.01 0.56
CA SER A 238 6.58 -5.41 1.58
C SER A 238 5.71 -6.39 2.31
N PHE A 239 5.17 -7.35 1.59
CA PHE A 239 4.42 -8.38 2.21
C PHE A 239 5.33 -9.18 3.17
N LEU A 240 6.53 -9.53 2.75
CA LEU A 240 7.39 -10.35 3.62
C LEU A 240 7.83 -9.57 4.86
N PHE A 241 8.07 -8.27 4.71
CA PHE A 241 8.43 -7.44 5.85
C PHE A 241 7.28 -7.39 6.88
N ALA A 242 6.06 -7.21 6.39
CA ALA A 242 4.91 -7.15 7.28
C ALA A 242 4.67 -8.52 7.91
N HIS A 243 4.80 -9.58 7.11
CA HIS A 243 4.53 -10.94 7.60
C HIS A 243 5.52 -11.37 8.69
N ALA A 244 6.80 -11.13 8.47
CA ALA A 244 7.85 -11.59 9.43
C ALA A 244 7.78 -10.90 10.79
N THR A 245 7.19 -9.70 10.85
CA THR A 245 7.24 -8.84 12.00
C THR A 245 5.95 -8.82 12.81
N LYS A 246 5.04 -9.73 12.55
CA LYS A 246 3.87 -9.92 13.41
C LYS A 246 4.32 -10.18 14.86
N PRO A 247 3.62 -9.63 15.84
CA PRO A 247 4.08 -9.76 17.22
C PRO A 247 4.28 -11.17 17.69
N GLU A 248 3.45 -12.09 17.25
CA GLU A 248 3.61 -13.47 17.68
C GLU A 248 4.87 -14.18 17.19
N PHE A 249 5.65 -13.56 16.27
CA PHE A 249 6.90 -14.14 15.80
C PHE A 249 8.11 -13.57 16.52
N THR A 250 7.86 -12.83 17.58
CA THR A 250 8.78 -11.83 18.14
C THR A 250 9.02 -12.17 19.63
N CYS A 251 10.11 -11.64 20.18
CA CYS A 251 10.26 -11.54 21.62
C CYS A 251 10.89 -10.22 21.92
N ARG A 252 10.99 -9.89 23.19
CA ARG A 252 11.49 -8.60 23.63
C ARG A 252 12.48 -8.83 24.78
N VAL A 253 13.72 -8.43 24.58
CA VAL A 253 14.78 -8.68 25.54
C VAL A 253 15.05 -7.36 26.30
N ARG A 254 15.00 -7.44 27.61
CA ARG A 254 15.36 -6.33 28.50
C ARG A 254 16.83 -6.38 28.82
N TRP A 255 17.57 -5.29 28.75
CA TRP A 255 19.00 -5.29 29.15
C TRP A 255 19.21 -4.84 30.60
N LYS A 256 19.97 -5.64 31.35
CA LYS A 256 20.45 -5.27 32.69
C LYS A 256 21.95 -5.16 32.56
N LYS A 257 22.56 -4.37 33.45
CA LYS A 257 24.03 -4.25 33.54
C LYS A 257 24.62 -5.65 33.60
N ASP A 258 25.71 -5.85 32.88
CA ASP A 258 26.38 -7.14 32.78
C ASP A 258 25.61 -8.29 32.12
N GLN A 259 24.55 -7.99 31.39
CA GLN A 259 23.91 -9.03 30.61
C GLN A 259 24.75 -9.27 29.36
N VAL A 260 24.98 -10.53 29.01
CA VAL A 260 25.54 -10.91 27.71
C VAL A 260 24.42 -11.47 26.85
N VAL A 261 24.28 -10.95 25.63
CA VAL A 261 23.28 -11.44 24.65
C VAL A 261 24.01 -11.96 23.44
N VAL A 262 23.62 -13.15 22.98
CA VAL A 262 24.11 -13.66 21.70
C VAL A 262 22.90 -13.86 20.78
N TRP A 263 22.94 -13.27 19.58
CA TRP A 263 21.90 -13.53 18.59
C TRP A 263 22.46 -14.11 17.32
N ASP A 264 21.66 -14.99 16.71
CA ASP A 264 21.95 -15.53 15.42
C ASP A 264 21.63 -14.51 14.31
N ASN A 265 22.65 -14.08 13.61
CA ASN A 265 22.50 -12.98 12.65
C ASN A 265 21.92 -13.45 11.32
N LEU A 266 21.83 -14.77 11.12
CA LEU A 266 21.19 -15.30 9.92
C LEU A 266 19.72 -15.51 10.08
N CYS A 267 19.29 -16.15 11.16
CA CYS A 267 17.91 -16.57 11.31
C CYS A 267 17.07 -15.70 12.25
N THR A 268 17.59 -14.56 12.70
CA THR A 268 16.79 -13.61 13.41
C THR A 268 16.86 -12.26 12.77
N MET A 269 15.93 -11.42 13.15
CA MET A 269 16.05 -9.98 12.91
C MET A 269 15.87 -9.30 14.27
N HIS A 270 16.29 -8.04 14.36
CA HIS A 270 16.15 -7.30 15.57
C HIS A 270 15.74 -5.88 15.34
N TYR A 271 15.35 -5.23 16.45
CA TYR A 271 14.80 -3.90 16.42
C TYR A 271 15.21 -3.17 17.68
N ALA A 272 15.88 -2.04 17.50
CA ALA A 272 16.38 -1.25 18.66
C ALA A 272 15.30 -0.29 19.10
N ILE A 273 14.87 -0.40 20.35
CA ILE A 273 13.83 0.49 20.88
C ILE A 273 14.45 1.69 21.58
N ASN A 274 14.16 2.88 21.10
CA ASN A 274 14.68 4.12 21.62
C ASN A 274 13.61 4.84 22.43
N ASP A 275 13.42 4.39 23.67
CA ASP A 275 12.44 4.98 24.60
C ASP A 275 13.14 5.44 25.88
N TYR A 276 14.41 5.83 25.77
CA TYR A 276 15.21 6.20 26.93
C TYR A 276 15.92 7.56 26.71
N HIS A 277 15.23 8.49 26.02
CA HIS A 277 15.80 9.80 25.69
C HIS A 277 16.49 10.36 26.93
N GLY A 278 17.75 10.75 26.75
CA GLY A 278 18.47 11.50 27.79
C GLY A 278 19.26 10.66 28.78
N GLN A 279 19.44 9.38 28.46
CA GLN A 279 20.20 8.49 29.33
C GLN A 279 21.30 7.83 28.54
N THR A 280 22.36 7.52 29.25
CA THR A 280 23.52 6.89 28.64
C THR A 280 23.25 5.37 28.41
N ARG A 281 23.65 4.91 27.23
CA ARG A 281 23.55 3.48 26.90
C ARG A 281 24.82 3.05 26.20
N ILE A 282 25.61 2.25 26.88
CA ILE A 282 26.88 1.78 26.35
C ILE A 282 26.95 0.26 26.38
N LEU A 283 27.23 -0.33 25.20
CA LEU A 283 27.43 -1.76 25.08
C LEU A 283 28.71 -2.04 24.32
N HIS A 284 29.22 -3.25 24.52
CA HIS A 284 30.32 -3.75 23.75
C HIS A 284 29.87 -4.87 22.88
N ARG A 285 30.52 -5.00 21.73
CA ARG A 285 30.05 -5.95 20.77
C ARG A 285 31.21 -6.68 20.14
N THR A 286 31.05 -7.99 19.94
CA THR A 286 31.89 -8.69 19.06
C THR A 286 31.03 -9.35 18.00
N THR A 287 31.65 -9.61 16.86
CA THR A 287 31.06 -10.16 15.68
C THR A 287 31.70 -11.51 15.44
N VAL A 288 30.88 -12.55 15.31
CA VAL A 288 31.37 -13.82 14.79
C VAL A 288 31.10 -13.99 13.30
N GLY A 289 32.18 -14.25 12.57
CA GLY A 289 32.23 -14.42 11.12
C GLY A 289 31.36 -15.55 10.64
N GLY A 290 30.72 -15.34 9.48
CA GLY A 290 29.98 -16.42 8.85
C GLY A 290 30.51 -16.68 7.44
N VAL A 291 29.90 -17.66 6.78
CA VAL A 291 30.09 -17.92 5.33
C VAL A 291 28.91 -17.33 4.53
N ARG A 292 29.05 -17.24 3.21
CA ARG A 292 28.02 -16.82 2.31
C ARG A 292 26.68 -17.50 2.62
N PRO A 293 25.61 -16.72 2.90
CA PRO A 293 24.31 -17.29 3.04
C PRO A 293 23.99 -18.10 1.79
N ALA A 294 23.37 -19.26 1.96
CA ALA A 294 23.13 -20.15 0.86
C ALA A 294 21.93 -21.03 1.08
N ARG A 295 21.37 -21.53 -0.03
CA ARG A 295 20.32 -22.57 0.00
C ARG A 295 20.75 -23.91 0.50
N HIS A 296 21.96 -24.35 0.22
CA HIS A 296 22.60 -25.42 1.04
C HIS A 296 24.12 -25.47 1.10
N HIS A 297 24.66 -26.25 2.04
CA HIS A 297 26.09 -26.28 2.38
C HIS A 297 26.68 -27.64 2.03
N HIS A 298 26.29 -28.08 0.82
CA HIS A 298 26.77 -29.26 0.04
C HIS A 298 25.97 -30.57 0.35
N HIS A 299 24.67 -30.44 0.10
CA HIS A 299 23.63 -31.53 0.05
C HIS A 299 22.29 -30.81 -0.36
N HIS A 300 21.08 -31.27 0.03
CA HIS A 300 19.85 -30.53 -0.38
C HIS A 300 19.68 -29.25 0.45
N ARG B 11 -1.16 -5.23 -47.27
CA ARG B 11 -1.44 -6.35 -46.31
C ARG B 11 -2.92 -6.53 -45.89
N PHE B 12 -3.70 -5.44 -45.91
CA PHE B 12 -5.16 -5.53 -46.01
C PHE B 12 -5.61 -5.08 -47.41
N GLU B 13 -6.20 -5.99 -48.18
CA GLU B 13 -6.73 -5.71 -49.55
C GLU B 13 -8.24 -5.57 -49.59
N ARG B 14 -8.96 -6.28 -48.72
CA ARG B 14 -10.40 -6.31 -48.72
C ARG B 14 -11.03 -5.31 -47.77
N ILE B 15 -10.31 -4.89 -46.71
CA ILE B 15 -10.82 -3.85 -45.75
C ILE B 15 -9.81 -2.76 -45.59
N ALA B 16 -10.24 -1.62 -45.07
CA ALA B 16 -9.31 -0.56 -44.66
C ALA B 16 -9.22 -0.54 -43.11
N VAL B 17 -7.98 -0.64 -42.60
CA VAL B 17 -7.71 -0.69 -41.15
C VAL B 17 -6.93 0.56 -40.70
N GLN B 18 -7.48 1.37 -39.79
CA GLN B 18 -6.78 2.53 -39.22
C GLN B 18 -6.56 2.32 -37.69
N PRO B 19 -5.33 1.91 -37.27
CA PRO B 19 -5.09 1.70 -35.84
C PRO B 19 -5.32 2.97 -35.01
N LEU B 20 -5.84 2.77 -33.81
CA LEU B 20 -6.21 3.85 -32.95
C LEU B 20 -5.02 4.35 -32.11
N THR B 21 -4.10 3.44 -31.74
CA THR B 21 -2.91 3.77 -30.89
C THR B 21 -1.83 2.76 -31.33
N GLY B 22 -0.67 2.78 -30.69
CA GLY B 22 0.40 1.81 -30.97
C GLY B 22 0.21 0.53 -30.18
N VAL B 23 -0.85 0.40 -29.37
CA VAL B 23 -0.97 -0.78 -28.53
C VAL B 23 -2.18 -1.63 -28.91
N LEU B 24 -3.34 -1.02 -29.01
CA LEU B 24 -4.54 -1.73 -29.42
C LEU B 24 -5.57 -0.77 -29.95
N GLY B 25 -6.55 -1.36 -30.64
CA GLY B 25 -7.71 -0.62 -31.17
C GLY B 25 -7.52 -0.34 -32.64
N ALA B 26 -8.58 -0.57 -33.44
CA ALA B 26 -8.55 -0.14 -34.84
C ALA B 26 -9.94 0.06 -35.43
N GLU B 27 -10.02 1.07 -36.27
CA GLU B 27 -11.14 1.39 -37.09
C GLU B 27 -11.09 0.53 -38.38
N ILE B 28 -12.20 -0.14 -38.66
CA ILE B 28 -12.32 -0.94 -39.89
C ILE B 28 -13.40 -0.30 -40.77
N THR B 29 -13.03 0.09 -41.99
CA THR B 29 -13.95 0.58 -43.01
C THR B 29 -13.79 -0.20 -44.35
N GLY B 30 -14.63 0.17 -45.33
CA GLY B 30 -14.63 -0.46 -46.64
C GLY B 30 -15.33 -1.81 -46.65
N VAL B 31 -16.32 -1.99 -45.77
CA VAL B 31 -17.04 -3.22 -45.63
C VAL B 31 -18.46 -2.89 -45.18
N ASP B 32 -19.40 -3.72 -45.70
CA ASP B 32 -20.81 -3.50 -45.50
C ASP B 32 -21.32 -4.70 -44.77
N LEU B 33 -21.58 -4.51 -43.47
CA LEU B 33 -22.02 -5.61 -42.62
C LEU B 33 -23.48 -6.03 -42.83
N ARG B 34 -24.22 -5.30 -43.68
CA ARG B 34 -25.53 -5.78 -44.16
C ARG B 34 -25.43 -7.03 -45.02
N GLU B 35 -24.26 -7.20 -45.67
CA GLU B 35 -23.99 -8.29 -46.61
C GLU B 35 -23.19 -9.45 -45.95
N PRO B 36 -23.39 -10.69 -46.49
CA PRO B 36 -22.50 -11.76 -46.12
C PRO B 36 -21.06 -11.45 -46.53
N LEU B 37 -20.11 -11.97 -45.74
CA LEU B 37 -18.70 -11.67 -45.98
C LEU B 37 -18.09 -12.84 -46.68
N ASP B 38 -17.40 -12.63 -47.79
CA ASP B 38 -16.68 -13.76 -48.42
C ASP B 38 -15.50 -14.17 -47.50
N ASP B 39 -14.84 -15.27 -47.83
CA ASP B 39 -13.80 -15.85 -47.01
C ASP B 39 -12.60 -14.93 -46.82
N SER B 40 -12.12 -14.40 -47.91
CA SER B 40 -11.01 -13.49 -47.94
C SER B 40 -11.22 -12.23 -47.01
N THR B 41 -12.42 -11.65 -47.05
CA THR B 41 -12.79 -10.46 -46.27
C THR B 41 -12.91 -10.82 -44.77
N TRP B 42 -13.55 -11.95 -44.48
CA TRP B 42 -13.68 -12.43 -43.14
C TRP B 42 -12.30 -12.67 -42.55
N ASN B 43 -11.41 -13.32 -43.30
CA ASN B 43 -10.09 -13.67 -42.78
C ASN B 43 -9.29 -12.42 -42.43
N GLU B 44 -9.46 -11.35 -43.20
CA GLU B 44 -8.82 -10.08 -42.87
C GLU B 44 -9.40 -9.42 -41.61
N ILE B 45 -10.70 -9.50 -41.44
CA ILE B 45 -11.34 -9.01 -40.25
C ILE B 45 -10.86 -9.79 -39.05
N LEU B 46 -10.71 -11.10 -39.16
CA LEU B 46 -10.28 -11.92 -38.04
C LEU B 46 -8.83 -11.61 -37.71
N ASP B 47 -7.97 -11.40 -38.73
CA ASP B 47 -6.60 -10.98 -38.56
C ASP B 47 -6.56 -9.68 -37.76
N ALA B 48 -7.35 -8.69 -38.20
CA ALA B 48 -7.42 -7.38 -37.57
C ALA B 48 -7.87 -7.51 -36.10
N PHE B 49 -8.86 -8.34 -35.85
CA PHE B 49 -9.34 -8.64 -34.51
C PHE B 49 -8.22 -9.23 -33.62
N HIS B 50 -7.51 -10.21 -34.15
CA HIS B 50 -6.44 -10.87 -33.43
C HIS B 50 -5.29 -9.90 -33.11
N THR B 51 -4.98 -9.00 -34.02
CA THR B 51 -3.91 -8.05 -33.84
C THR B 51 -4.31 -6.87 -32.94
N TYR B 52 -5.46 -6.24 -33.24
CA TYR B 52 -5.85 -5.00 -32.64
C TYR B 52 -6.77 -5.14 -31.44
N GLN B 53 -7.38 -6.30 -31.27
CA GLN B 53 -8.04 -6.76 -30.04
C GLN B 53 -9.37 -6.08 -29.71
N VAL B 54 -9.50 -4.83 -30.08
CA VAL B 54 -10.79 -4.16 -30.07
C VAL B 54 -10.92 -3.44 -31.39
N ILE B 55 -11.99 -3.72 -32.11
CA ILE B 55 -12.15 -3.17 -33.47
C ILE B 55 -13.54 -2.55 -33.58
N TYR B 56 -13.64 -1.48 -34.36
CA TYR B 56 -14.90 -0.79 -34.50
C TYR B 56 -15.16 -0.42 -35.99
N PHE B 57 -16.43 -0.53 -36.38
CA PHE B 57 -16.90 -0.37 -37.76
C PHE B 57 -17.89 0.79 -37.74
N PRO B 58 -17.48 2.00 -38.14
CA PRO B 58 -18.45 3.10 -38.19
C PRO B 58 -19.47 2.90 -39.28
N GLY B 59 -20.63 3.48 -39.09
CA GLY B 59 -21.62 3.58 -40.27
C GLY B 59 -22.18 2.22 -40.76
N GLN B 60 -22.64 1.40 -39.79
CA GLN B 60 -23.17 0.12 -40.10
C GLN B 60 -24.58 0.08 -39.58
N ALA B 61 -25.50 0.58 -40.40
CA ALA B 61 -26.92 0.63 -40.05
C ALA B 61 -27.46 -0.74 -40.45
N ILE B 62 -27.33 -1.68 -39.52
CA ILE B 62 -27.65 -3.07 -39.74
C ILE B 62 -28.88 -3.49 -38.96
N THR B 63 -29.38 -4.68 -39.21
CA THR B 63 -30.49 -5.25 -38.49
C THR B 63 -30.03 -6.19 -37.40
N ASN B 64 -30.98 -6.60 -36.57
CA ASN B 64 -30.71 -7.59 -35.55
C ASN B 64 -30.15 -8.91 -36.09
N GLU B 65 -30.76 -9.48 -37.16
CA GLU B 65 -30.32 -10.74 -37.71
C GLU B 65 -28.93 -10.57 -38.28
N GLN B 66 -28.67 -9.44 -38.93
CA GLN B 66 -27.32 -9.17 -39.46
C GLN B 66 -26.22 -9.06 -38.32
N HIS B 67 -26.59 -8.46 -37.20
CA HIS B 67 -25.72 -8.31 -36.02
C HIS B 67 -25.42 -9.73 -35.54
N ILE B 68 -26.48 -10.54 -35.39
CA ILE B 68 -26.32 -11.91 -34.97
C ILE B 68 -25.43 -12.70 -35.94
N ALA B 69 -25.62 -12.53 -37.24
CA ALA B 69 -24.88 -13.34 -38.23
C ALA B 69 -23.41 -12.96 -38.25
N PHE B 70 -23.12 -11.66 -38.17
CA PHE B 70 -21.74 -11.18 -38.01
C PHE B 70 -21.06 -11.78 -36.75
N SER B 71 -21.77 -11.76 -35.63
CA SER B 71 -21.29 -12.30 -34.37
C SER B 71 -20.93 -13.77 -34.48
N ARG B 72 -21.78 -14.53 -35.20
CA ARG B 72 -21.59 -15.98 -35.37
C ARG B 72 -20.29 -16.30 -36.13
N ARG B 73 -19.76 -15.36 -36.92
CA ARG B 73 -18.49 -15.67 -37.55
C ARG B 73 -17.36 -15.85 -36.51
N PHE B 74 -17.50 -15.26 -35.30
CA PHE B 74 -16.42 -15.27 -34.28
C PHE B 74 -16.47 -16.54 -33.41
N GLY B 75 -17.63 -17.19 -33.34
CA GLY B 75 -17.86 -18.34 -32.47
C GLY B 75 -19.34 -18.45 -32.18
N PRO B 76 -19.74 -19.39 -31.33
CA PRO B 76 -21.15 -19.62 -31.08
C PRO B 76 -21.79 -18.52 -30.31
N VAL B 77 -23.06 -18.21 -30.61
CA VAL B 77 -23.77 -17.16 -29.83
C VAL B 77 -25.02 -17.84 -29.43
N ASP B 78 -25.39 -17.79 -28.14
CA ASP B 78 -26.38 -18.79 -27.68
C ASP B 78 -27.89 -18.45 -27.66
N PRO B 79 -28.72 -19.33 -28.32
CA PRO B 79 -30.18 -19.09 -28.42
C PRO B 79 -30.91 -18.65 -27.15
N VAL B 80 -30.21 -18.67 -26.02
CA VAL B 80 -30.85 -18.50 -24.71
C VAL B 80 -31.16 -16.99 -24.39
N PRO B 81 -32.47 -16.67 -24.10
CA PRO B 81 -32.86 -15.31 -23.80
C PRO B 81 -32.36 -14.97 -22.39
N LEU B 82 -32.26 -13.69 -22.16
CA LEU B 82 -32.00 -13.14 -20.82
C LEU B 82 -33.20 -12.19 -20.61
N LEU B 83 -33.37 -11.65 -19.41
CA LEU B 83 -34.48 -10.72 -19.16
C LEU B 83 -34.47 -9.50 -20.13
N LYS B 84 -33.30 -9.11 -20.57
CA LYS B 84 -33.00 -7.94 -21.33
C LYS B 84 -32.90 -8.33 -22.83
N SER B 85 -33.30 -9.54 -23.25
CA SER B 85 -33.34 -9.91 -24.67
C SER B 85 -34.29 -9.07 -25.52
N ILE B 86 -33.88 -8.77 -26.74
CA ILE B 86 -34.76 -8.08 -27.68
C ILE B 86 -35.87 -9.06 -28.15
N GLU B 87 -37.11 -8.59 -28.12
CA GLU B 87 -38.26 -9.44 -28.45
C GLU B 87 -38.12 -9.89 -29.92
N GLY B 88 -38.12 -11.21 -30.12
CA GLY B 88 -37.95 -11.79 -31.49
C GLY B 88 -36.53 -12.14 -31.86
N TYR B 89 -35.55 -11.71 -31.04
CA TYR B 89 -34.10 -11.83 -31.39
C TYR B 89 -33.34 -12.14 -30.08
N PRO B 90 -33.58 -13.34 -29.53
CA PRO B 90 -33.12 -13.63 -28.15
C PRO B 90 -31.59 -13.56 -27.96
N GLU B 91 -30.79 -13.69 -28.99
CA GLU B 91 -29.33 -13.51 -28.91
C GLU B 91 -28.87 -12.07 -28.73
N VAL B 92 -29.74 -11.09 -28.95
CA VAL B 92 -29.38 -9.71 -28.87
C VAL B 92 -29.97 -9.15 -27.56
N GLN B 93 -29.14 -8.47 -26.76
CA GLN B 93 -29.64 -7.87 -25.51
C GLN B 93 -29.54 -6.40 -25.56
N MET B 94 -30.48 -5.71 -24.94
CA MET B 94 -30.41 -4.27 -24.83
C MET B 94 -29.62 -3.85 -23.62
N ILE B 95 -28.72 -2.90 -23.82
CA ILE B 95 -27.80 -2.48 -22.77
C ILE B 95 -28.10 -1.00 -22.68
N ARG B 96 -28.57 -0.63 -21.51
CA ARG B 96 -29.07 0.70 -21.21
C ARG B 96 -28.38 1.16 -19.92
N ARG B 97 -27.93 2.41 -19.85
CA ARG B 97 -27.31 2.86 -18.57
C ARG B 97 -27.92 4.10 -17.90
N GLY B 107 -18.92 -1.83 -13.84
CA GLY B 107 -18.56 -1.07 -15.06
C GLY B 107 -17.30 -0.17 -14.97
N ASP B 108 -17.29 0.66 -13.91
CA ASP B 108 -16.20 1.63 -13.59
C ASP B 108 -15.16 1.07 -12.53
N ASP B 109 -14.86 -0.21 -12.65
CA ASP B 109 -13.47 -0.65 -12.48
C ASP B 109 -13.06 -1.40 -13.72
N TRP B 110 -11.76 -1.40 -13.97
CA TRP B 110 -11.23 -2.17 -15.08
C TRP B 110 -11.59 -3.63 -14.87
N HIS B 111 -12.12 -4.27 -15.89
CA HIS B 111 -12.53 -5.70 -15.79
C HIS B 111 -12.66 -6.25 -17.15
N THR B 112 -12.84 -7.56 -17.22
CA THR B 112 -13.40 -8.19 -18.42
C THR B 112 -14.56 -9.00 -17.96
N ASP B 113 -15.44 -9.39 -18.88
CA ASP B 113 -16.80 -9.77 -18.41
C ASP B 113 -16.87 -11.22 -17.94
N SER B 114 -17.50 -11.38 -16.82
CA SER B 114 -18.03 -12.64 -16.31
C SER B 114 -16.96 -13.70 -16.05
N THR B 115 -15.81 -13.30 -15.47
CA THR B 115 -14.67 -14.21 -15.30
C THR B 115 -14.91 -15.22 -14.21
N PHE B 116 -15.96 -15.00 -13.41
CA PHE B 116 -16.46 -16.01 -12.48
C PHE B 116 -17.01 -17.30 -13.10
N LEU B 117 -17.28 -17.28 -14.41
CA LEU B 117 -17.69 -18.49 -15.14
C LEU B 117 -16.49 -19.40 -15.49
N ASP B 118 -16.72 -20.72 -15.57
CA ASP B 118 -15.74 -21.67 -15.98
C ASP B 118 -15.36 -21.31 -17.38
N ALA B 119 -16.33 -20.89 -18.20
CA ALA B 119 -16.03 -20.49 -19.60
C ALA B 119 -16.65 -19.11 -19.89
N PRO B 120 -15.90 -18.03 -19.59
CA PRO B 120 -16.47 -16.71 -19.90
C PRO B 120 -16.56 -16.47 -21.39
N PRO B 121 -17.32 -15.46 -21.82
CA PRO B 121 -17.35 -15.08 -23.25
C PRO B 121 -15.98 -14.89 -23.84
N ALA B 122 -15.83 -15.26 -25.13
CA ALA B 122 -14.66 -14.98 -25.89
C ALA B 122 -14.68 -13.59 -26.44
N ALA B 123 -15.85 -13.03 -26.69
CA ALA B 123 -15.93 -11.76 -27.38
C ALA B 123 -17.27 -11.18 -27.24
N VAL B 124 -17.34 -9.86 -27.43
CA VAL B 124 -18.62 -9.17 -27.37
C VAL B 124 -18.75 -8.21 -28.52
N VAL B 125 -19.94 -8.25 -29.14
CA VAL B 125 -20.20 -7.41 -30.27
C VAL B 125 -21.36 -6.51 -29.97
N MET B 126 -21.03 -5.22 -29.95
CA MET B 126 -21.91 -4.23 -29.40
C MET B 126 -22.18 -3.23 -30.52
N ARG B 127 -23.42 -2.78 -30.61
CA ARG B 127 -23.85 -1.83 -31.65
C ARG B 127 -24.53 -0.66 -31.01
N ALA B 128 -24.09 0.54 -31.37
CA ALA B 128 -24.68 1.75 -30.79
C ALA B 128 -26.01 2.07 -31.52
N ILE B 129 -27.08 2.24 -30.75
CA ILE B 129 -28.38 2.55 -31.29
C ILE B 129 -28.66 4.04 -31.11
N ASP B 130 -28.61 4.50 -29.87
CA ASP B 130 -28.85 5.88 -29.56
C ASP B 130 -27.95 6.30 -28.40
N VAL B 131 -26.95 7.13 -28.66
CA VAL B 131 -25.84 7.47 -27.74
C VAL B 131 -25.52 8.96 -27.70
N PRO B 132 -24.96 9.45 -26.61
CA PRO B 132 -24.65 10.87 -26.51
C PRO B 132 -23.72 11.39 -27.60
N GLU B 133 -23.85 12.67 -27.94
CA GLU B 133 -22.94 13.30 -28.88
C GLU B 133 -21.49 13.36 -28.30
N HIS B 134 -21.38 13.59 -27.00
CA HIS B 134 -20.12 13.51 -26.27
C HIS B 134 -20.36 12.96 -24.85
N GLY B 135 -19.50 12.06 -24.44
CA GLY B 135 -19.63 11.29 -23.23
C GLY B 135 -19.86 9.81 -23.54
N GLY B 136 -19.68 8.99 -22.53
CA GLY B 136 -19.92 7.55 -22.65
C GLY B 136 -18.89 6.74 -23.39
N ASP B 137 -17.65 7.25 -23.45
CA ASP B 137 -16.57 6.47 -24.00
C ASP B 137 -16.36 5.17 -23.21
N THR B 138 -15.66 4.24 -23.83
CA THR B 138 -15.23 3.04 -23.16
C THR B 138 -13.74 2.95 -23.29
N GLY B 139 -13.07 2.79 -22.16
CA GLY B 139 -11.66 2.44 -22.18
C GLY B 139 -11.43 0.97 -22.44
N PHE B 140 -10.36 0.66 -23.17
CA PHE B 140 -9.90 -0.71 -23.33
C PHE B 140 -8.41 -0.77 -23.05
N LEU B 141 -7.92 -1.95 -22.69
CA LEU B 141 -6.48 -2.16 -22.59
C LEU B 141 -6.09 -3.54 -23.04
N SER B 142 -4.80 -3.71 -23.38
CA SER B 142 -4.29 -4.99 -23.78
C SER B 142 -3.59 -5.74 -22.67
N MET B 143 -4.09 -6.93 -22.34
CA MET B 143 -3.40 -7.79 -21.42
C MET B 143 -2.21 -8.53 -22.03
N TYR B 144 -2.05 -8.50 -23.34
CA TYR B 144 -0.85 -9.00 -23.95
C TYR B 144 0.28 -8.05 -23.53
N THR B 145 0.07 -6.77 -23.78
CA THR B 145 1.06 -5.79 -23.46
C THR B 145 1.36 -5.69 -21.95
N ALA B 146 0.33 -5.87 -21.11
CA ALA B 146 0.54 -5.93 -19.68
C ALA B 146 1.50 -7.04 -19.30
N TRP B 147 1.31 -8.22 -19.90
CA TRP B 147 2.17 -9.37 -19.65
C TRP B 147 3.60 -9.17 -20.16
N GLU B 148 3.71 -8.59 -21.33
CA GLU B 148 4.97 -8.50 -22.07
C GLU B 148 5.88 -7.42 -21.55
N THR B 149 5.35 -6.50 -20.73
CA THR B 149 6.17 -5.49 -20.12
C THR B 149 6.67 -5.91 -18.71
N LEU B 150 6.30 -7.08 -18.24
CA LEU B 150 6.88 -7.63 -17.01
C LEU B 150 8.26 -8.23 -17.33
N SER B 151 9.20 -8.12 -16.39
CA SER B 151 10.53 -8.70 -16.59
C SER B 151 10.42 -10.24 -16.76
N PRO B 152 11.41 -10.83 -17.45
CA PRO B 152 11.38 -12.30 -17.57
C PRO B 152 11.34 -12.99 -16.23
N THR B 153 12.03 -12.44 -15.24
CA THR B 153 12.05 -13.10 -13.93
C THR B 153 10.69 -12.98 -13.25
N MET B 154 10.05 -11.82 -13.36
CA MET B 154 8.71 -11.69 -12.76
C MET B 154 7.77 -12.69 -13.47
N GLN B 155 7.85 -12.71 -14.79
CA GLN B 155 7.04 -13.68 -15.56
C GLN B 155 7.20 -15.10 -15.11
N ALA B 156 8.46 -15.54 -14.99
CA ALA B 156 8.73 -16.95 -14.62
C ALA B 156 8.24 -17.21 -13.23
N THR B 157 8.25 -16.19 -12.37
CA THR B 157 7.86 -16.39 -10.98
C THR B 157 6.37 -16.61 -10.81
N ILE B 158 5.56 -15.96 -11.63
CA ILE B 158 4.10 -16.01 -11.42
C ILE B 158 3.34 -16.78 -12.50
N GLU B 159 3.99 -17.15 -13.58
CA GLU B 159 3.32 -17.81 -14.72
C GLU B 159 2.54 -19.06 -14.33
N GLY B 160 3.02 -19.82 -13.38
CA GLY B 160 2.37 -21.04 -12.92
C GLY B 160 1.27 -20.83 -11.89
N LEU B 161 0.98 -19.61 -11.48
CA LEU B 161 -0.05 -19.40 -10.49
C LEU B 161 -1.44 -19.45 -11.12
N ASN B 162 -2.44 -19.84 -10.33
CA ASN B 162 -3.82 -19.74 -10.73
C ASN B 162 -4.53 -18.85 -9.76
N VAL B 163 -5.66 -18.30 -10.20
CA VAL B 163 -6.39 -17.30 -9.45
C VAL B 163 -7.85 -17.74 -9.27
N VAL B 164 -8.36 -17.53 -8.07
CA VAL B 164 -9.73 -17.83 -7.75
C VAL B 164 -10.61 -16.65 -8.13
N HIS B 165 -11.59 -16.88 -8.99
CA HIS B 165 -12.56 -15.85 -9.38
C HIS B 165 -13.95 -16.21 -8.79
N SER B 166 -14.65 -15.19 -8.33
CA SER B 166 -16.08 -15.36 -8.02
C SER B 166 -16.79 -14.01 -8.10
N ALA B 167 -18.11 -14.08 -8.11
CA ALA B 167 -18.94 -12.88 -8.11
C ALA B 167 -19.37 -12.46 -6.74
N THR B 168 -18.66 -12.90 -5.70
CA THR B 168 -19.14 -12.66 -4.34
C THR B 168 -19.29 -11.17 -4.03
N ARG B 169 -18.45 -10.29 -4.59
CA ARG B 169 -18.53 -8.83 -4.29
C ARG B 169 -19.48 -8.10 -5.22
N VAL B 170 -20.02 -8.78 -6.23
CA VAL B 170 -20.93 -8.18 -7.19
C VAL B 170 -22.37 -8.58 -6.87
N PHE B 171 -22.64 -9.88 -6.70
CA PHE B 171 -23.97 -10.32 -6.29
C PHE B 171 -24.03 -11.53 -5.37
N GLY B 172 -22.94 -11.80 -4.64
CA GLY B 172 -22.90 -12.90 -3.67
C GLY B 172 -22.94 -12.34 -2.24
N SER B 173 -22.40 -13.12 -1.31
CA SER B 173 -22.48 -12.76 0.12
C SER B 173 -21.77 -11.48 0.51
N LEU B 174 -20.61 -11.21 -0.09
CA LEU B 174 -19.87 -9.99 0.28
C LEU B 174 -20.60 -8.76 -0.18
N TYR B 175 -21.18 -8.80 -1.38
CA TYR B 175 -22.07 -7.72 -1.81
C TYR B 175 -23.22 -7.53 -0.80
N GLN B 176 -23.98 -8.60 -0.48
CA GLN B 176 -25.10 -8.49 0.44
C GLN B 176 -24.68 -7.92 1.80
N ALA B 177 -23.52 -8.33 2.29
CA ALA B 177 -23.00 -7.82 3.55
C ALA B 177 -22.55 -6.33 3.60
N GLN B 178 -22.49 -5.60 2.46
CA GLN B 178 -22.04 -4.20 2.41
C GLN B 178 -23.25 -3.30 2.04
N ASN B 179 -24.31 -3.91 1.48
CA ASN B 179 -25.42 -3.20 0.85
C ASN B 179 -26.75 -3.81 1.34
N ASP B 191 -29.06 -14.80 -7.53
CA ASP B 191 -28.82 -15.93 -6.63
C ASP B 191 -27.48 -15.77 -5.87
N VAL B 192 -27.52 -15.78 -4.51
CA VAL B 192 -26.29 -15.65 -3.70
C VAL B 192 -25.32 -16.86 -3.82
N ASP B 193 -25.83 -18.09 -3.97
CA ASP B 193 -24.97 -19.25 -4.19
C ASP B 193 -24.18 -19.12 -5.49
N ALA B 194 -24.83 -18.61 -6.52
CA ALA B 194 -24.18 -18.42 -7.80
C ALA B 194 -23.13 -17.29 -7.73
N GLY B 195 -23.41 -16.28 -6.88
CA GLY B 195 -22.50 -15.19 -6.61
C GLY B 195 -21.22 -15.66 -5.91
N ASP B 196 -21.35 -16.67 -5.05
CA ASP B 196 -20.26 -17.21 -4.24
C ASP B 196 -19.51 -18.35 -4.89
N ARG B 197 -20.03 -18.92 -5.96
CA ARG B 197 -19.38 -20.07 -6.54
C ARG B 197 -18.01 -19.65 -7.13
N GLU B 198 -16.97 -20.38 -6.76
CA GLU B 198 -15.60 -20.08 -7.15
C GLU B 198 -15.22 -20.86 -8.38
N THR B 199 -14.43 -20.26 -9.24
CA THR B 199 -13.82 -21.00 -10.33
C THR B 199 -12.35 -20.60 -10.31
N VAL B 200 -11.50 -21.38 -10.94
CA VAL B 200 -10.11 -21.06 -11.00
C VAL B 200 -9.62 -20.94 -12.41
N HIS B 201 -8.91 -19.84 -12.72
CA HIS B 201 -8.31 -19.66 -14.03
C HIS B 201 -6.81 -19.43 -13.87
N PRO B 202 -6.06 -19.72 -14.90
CA PRO B 202 -4.66 -19.39 -14.86
C PRO B 202 -4.47 -17.91 -14.78
N LEU B 203 -3.34 -17.51 -14.19
CA LEU B 203 -2.98 -16.11 -14.07
C LEU B 203 -2.51 -15.60 -15.42
N VAL B 204 -1.99 -16.50 -16.22
CA VAL B 204 -1.51 -16.19 -17.56
C VAL B 204 -2.16 -17.17 -18.50
N VAL B 205 -2.81 -16.64 -19.56
CA VAL B 205 -3.58 -17.45 -20.49
C VAL B 205 -3.04 -17.34 -21.91
N THR B 206 -3.20 -18.42 -22.69
CA THR B 206 -2.86 -18.42 -24.10
C THR B 206 -4.15 -18.26 -24.89
N HIS B 207 -4.20 -17.27 -25.73
CA HIS B 207 -5.40 -16.99 -26.51
C HIS B 207 -5.52 -18.13 -27.55
N PRO B 208 -6.68 -18.78 -27.61
CA PRO B 208 -6.83 -19.93 -28.51
C PRO B 208 -6.78 -19.63 -30.01
N GLY B 209 -7.05 -18.41 -30.41
CA GLY B 209 -6.92 -17.99 -31.80
C GLY B 209 -5.65 -17.33 -32.20
N SER B 210 -5.08 -16.46 -31.37
CA SER B 210 -3.85 -15.76 -31.73
C SER B 210 -2.64 -16.57 -31.30
N GLY B 211 -2.80 -17.49 -30.35
CA GLY B 211 -1.63 -18.13 -29.75
C GLY B 211 -0.80 -17.25 -28.76
N ARG B 212 -1.20 -15.99 -28.50
CA ARG B 212 -0.46 -15.09 -27.64
C ARG B 212 -0.81 -15.23 -26.17
N LYS B 213 0.20 -15.03 -25.33
CA LYS B 213 0.00 -15.04 -23.89
C LYS B 213 -0.39 -13.67 -23.39
N GLY B 214 -1.38 -13.65 -22.51
CA GLY B 214 -1.80 -12.48 -21.85
C GLY B 214 -2.07 -12.71 -20.38
N LEU B 215 -1.97 -11.66 -19.61
CA LEU B 215 -2.30 -11.68 -18.20
C LEU B 215 -3.79 -11.82 -18.07
N TYR B 216 -4.24 -12.46 -17.01
CA TYR B 216 -5.65 -12.69 -16.80
C TYR B 216 -6.03 -12.53 -15.34
N VAL B 217 -6.25 -11.29 -14.97
CA VAL B 217 -6.63 -11.00 -13.66
C VAL B 217 -7.43 -9.73 -13.70
N ASN B 218 -8.39 -9.61 -12.79
CA ASN B 218 -9.14 -8.38 -12.68
C ASN B 218 -9.64 -8.20 -11.27
N GLN B 219 -9.84 -6.96 -10.92
CA GLN B 219 -10.16 -6.58 -9.53
C GLN B 219 -11.64 -6.85 -9.17
N VAL B 220 -12.50 -6.93 -10.16
CA VAL B 220 -13.91 -7.14 -9.86
C VAL B 220 -14.19 -8.56 -9.35
N TYR B 221 -13.60 -9.55 -10.01
CA TYR B 221 -13.92 -10.94 -9.73
C TYR B 221 -12.79 -11.73 -9.04
N CYS B 222 -11.51 -11.29 -9.15
CA CYS B 222 -10.42 -12.09 -8.53
C CYS B 222 -10.38 -11.93 -7.00
N GLN B 223 -10.37 -13.02 -6.27
CA GLN B 223 -10.37 -13.03 -4.81
C GLN B 223 -8.96 -13.29 -4.19
N ARG B 224 -8.23 -14.24 -4.75
CA ARG B 224 -6.97 -14.68 -4.19
C ARG B 224 -6.29 -15.59 -5.15
N ILE B 225 -5.01 -15.83 -4.89
CA ILE B 225 -4.27 -16.78 -5.65
C ILE B 225 -4.57 -18.16 -5.04
N GLU B 226 -4.84 -19.14 -5.91
CA GLU B 226 -5.13 -20.49 -5.50
C GLU B 226 -3.93 -21.03 -4.69
N GLY B 227 -4.23 -21.41 -3.47
CA GLY B 227 -3.31 -22.01 -2.55
C GLY B 227 -2.81 -20.98 -1.55
N MET B 228 -3.05 -19.69 -1.79
CA MET B 228 -2.51 -18.66 -0.95
C MET B 228 -3.61 -18.09 -0.08
N SER B 229 -3.20 -17.46 1.02
CA SER B 229 -4.15 -16.66 1.80
C SER B 229 -4.39 -15.33 1.08
N GLU B 230 -5.40 -14.63 1.55
CA GLU B 230 -5.75 -13.35 1.02
C GLU B 230 -4.64 -12.39 1.24
N LYS B 231 -4.07 -12.38 2.43
CA LYS B 231 -2.94 -11.51 2.71
C LYS B 231 -1.77 -11.76 1.80
N GLU B 232 -1.45 -13.03 1.54
CA GLU B 232 -0.40 -13.42 0.59
C GLU B 232 -0.69 -12.92 -0.78
N SER B 233 -1.97 -12.93 -1.15
CA SER B 233 -2.35 -12.73 -2.54
C SER B 233 -2.44 -11.27 -2.93
N GLU B 234 -2.87 -10.48 -1.97
CA GLU B 234 -3.31 -9.09 -2.25
C GLU B 234 -2.22 -8.22 -2.83
N PRO B 235 -0.98 -8.32 -2.33
CA PRO B 235 0.05 -7.43 -2.90
C PRO B 235 0.37 -7.73 -4.35
N LEU B 236 0.50 -8.97 -4.68
CA LEU B 236 0.71 -9.34 -6.05
C LEU B 236 -0.49 -8.98 -6.97
N LEU B 237 -1.71 -9.25 -6.55
CA LEU B 237 -2.88 -8.91 -7.37
C LEU B 237 -2.96 -7.38 -7.54
N SER B 238 -2.76 -6.63 -6.47
CA SER B 238 -2.81 -5.17 -6.62
C SER B 238 -1.71 -4.58 -7.48
N PHE B 239 -0.54 -5.16 -7.43
CA PHE B 239 0.51 -4.77 -8.31
C PHE B 239 0.11 -5.03 -9.75
N LEU B 240 -0.45 -6.19 -10.04
CA LEU B 240 -0.80 -6.53 -11.43
C LEU B 240 -1.93 -5.64 -11.92
N PHE B 241 -2.89 -5.30 -11.07
CA PHE B 241 -3.96 -4.40 -11.47
C PHE B 241 -3.42 -3.01 -11.82
N ALA B 242 -2.51 -2.50 -11.01
CA ALA B 242 -1.93 -1.19 -11.26
C ALA B 242 -1.06 -1.23 -12.50
N HIS B 243 -0.29 -2.31 -12.66
CA HIS B 243 0.61 -2.43 -13.84
C HIS B 243 -0.18 -2.50 -15.17
N ALA B 244 -1.21 -3.32 -15.21
CA ALA B 244 -2.02 -3.49 -16.44
C ALA B 244 -2.75 -2.26 -16.94
N THR B 245 -3.04 -1.32 -16.03
CA THR B 245 -3.91 -0.19 -16.29
C THR B 245 -3.19 1.13 -16.49
N LYS B 246 -1.89 1.09 -16.64
CA LYS B 246 -1.13 2.28 -17.07
C LYS B 246 -1.72 2.83 -18.39
N PRO B 247 -1.80 4.15 -18.51
CA PRO B 247 -2.44 4.74 -19.68
C PRO B 247 -1.85 4.30 -21.01
N GLU B 248 -0.56 4.07 -21.06
CA GLU B 248 0.05 3.69 -22.32
C GLU B 248 -0.32 2.29 -22.79
N PHE B 249 -1.01 1.49 -21.98
CA PHE B 249 -1.46 0.17 -22.38
C PHE B 249 -2.93 0.17 -22.83
N THR B 250 -3.47 1.35 -23.06
CA THR B 250 -4.91 1.61 -23.07
C THR B 250 -5.26 2.30 -24.39
N CYS B 251 -6.55 2.25 -24.74
CA CYS B 251 -7.09 3.18 -25.75
C CYS B 251 -8.44 3.59 -25.28
N ARG B 252 -9.03 4.53 -25.99
CA ARG B 252 -10.34 5.07 -25.60
C ARG B 252 -11.24 5.13 -26.84
N VAL B 253 -12.36 4.43 -26.78
CA VAL B 253 -13.27 4.31 -27.92
C VAL B 253 -14.46 5.23 -27.70
N ARG B 254 -14.71 6.07 -28.69
CA ARG B 254 -15.87 6.98 -28.70
C ARG B 254 -17.00 6.26 -29.44
N TRP B 255 -18.23 6.27 -28.93
CA TRP B 255 -19.35 5.67 -29.62
C TRP B 255 -20.17 6.63 -30.51
N LYS B 256 -20.42 6.26 -31.76
CA LYS B 256 -21.26 7.03 -32.71
C LYS B 256 -22.40 6.16 -33.11
N LYS B 257 -23.53 6.76 -33.51
CA LYS B 257 -24.71 6.01 -33.97
C LYS B 257 -24.30 5.03 -35.08
N ASP B 258 -24.82 3.82 -34.98
CA ASP B 258 -24.48 2.73 -35.92
C ASP B 258 -23.05 2.23 -35.94
N GLN B 259 -22.28 2.56 -34.90
CA GLN B 259 -20.94 1.97 -34.83
C GLN B 259 -21.12 0.55 -34.28
N VAL B 260 -20.44 -0.41 -34.88
CA VAL B 260 -20.34 -1.77 -34.33
C VAL B 260 -18.94 -1.93 -33.74
N VAL B 261 -18.85 -2.39 -32.50
CA VAL B 261 -17.58 -2.61 -31.81
C VAL B 261 -17.51 -4.07 -31.43
N VAL B 262 -16.36 -4.69 -31.70
CA VAL B 262 -16.10 -6.03 -31.21
C VAL B 262 -14.88 -5.99 -30.29
N TRP B 263 -15.00 -6.51 -29.06
CA TRP B 263 -13.82 -6.67 -28.20
C TRP B 263 -13.56 -8.11 -27.83
N ASP B 264 -12.27 -8.43 -27.71
CA ASP B 264 -11.82 -9.71 -27.22
C ASP B 264 -11.92 -9.75 -25.70
N ASN B 265 -12.79 -10.63 -25.19
CA ASN B 265 -13.08 -10.66 -23.74
C ASN B 265 -12.01 -11.41 -22.96
N LEU B 266 -11.08 -12.11 -23.67
CA LEU B 266 -10.00 -12.78 -22.97
C LEU B 266 -8.77 -11.88 -22.79
N CYS B 267 -8.37 -11.18 -23.83
CA CYS B 267 -7.10 -10.50 -23.83
C CYS B 267 -7.23 -8.96 -23.66
N THR B 268 -8.45 -8.45 -23.39
CA THR B 268 -8.60 -7.09 -23.08
C THR B 268 -9.30 -6.94 -21.77
N MET B 269 -9.20 -5.73 -21.22
CA MET B 269 -10.10 -5.32 -20.15
C MET B 269 -10.73 -4.00 -20.62
N HIS B 270 -11.84 -3.62 -19.98
CA HIS B 270 -12.52 -2.42 -20.33
C HIS B 270 -13.02 -1.67 -19.12
N TYR B 271 -13.39 -0.42 -19.40
CA TYR B 271 -13.74 0.53 -18.35
C TYR B 271 -14.84 1.45 -18.89
N ALA B 272 -15.99 1.44 -18.23
CA ALA B 272 -17.14 2.23 -18.66
C ALA B 272 -17.03 3.62 -18.06
N ILE B 273 -16.99 4.64 -18.93
CA ILE B 273 -16.91 6.02 -18.45
C ILE B 273 -18.31 6.64 -18.36
N ASN B 274 -18.67 7.08 -17.16
CA ASN B 274 -19.98 7.63 -16.88
C ASN B 274 -19.85 9.14 -16.70
N ASP B 275 -19.78 9.85 -17.81
CA ASP B 275 -19.69 11.32 -17.83
C ASP B 275 -20.84 11.92 -18.66
N TYR B 276 -21.98 11.25 -18.68
CA TYR B 276 -23.10 11.68 -19.53
C TYR B 276 -24.42 11.70 -18.71
N HIS B 277 -24.33 12.07 -17.43
CA HIS B 277 -25.49 12.12 -16.53
C HIS B 277 -26.65 12.78 -17.26
N GLY B 278 -27.78 12.10 -17.27
CA GLY B 278 -29.03 12.68 -17.79
C GLY B 278 -29.31 12.52 -19.27
N GLN B 279 -28.57 11.63 -19.93
CA GLN B 279 -28.76 11.41 -21.35
C GLN B 279 -28.96 9.93 -21.61
N THR B 280 -29.73 9.67 -22.66
CA THR B 280 -30.05 8.31 -23.02
C THR B 280 -28.84 7.65 -23.75
N ARG B 281 -28.56 6.40 -23.35
CA ARG B 281 -27.49 5.62 -24.02
C ARG B 281 -28.01 4.22 -24.16
N ILE B 282 -28.30 3.85 -25.39
CA ILE B 282 -28.85 2.53 -25.72
C ILE B 282 -27.96 1.83 -26.73
N LEU B 283 -27.52 0.62 -26.37
CA LEU B 283 -26.78 -0.24 -27.28
C LEU B 283 -27.41 -1.63 -27.29
N HIS B 284 -27.07 -2.38 -28.32
CA HIS B 284 -27.41 -3.79 -28.40
C HIS B 284 -26.13 -4.61 -28.33
N ARG B 285 -26.24 -5.77 -27.76
CA ARG B 285 -25.10 -6.60 -27.51
C ARG B 285 -25.38 -8.04 -27.87
N THR B 286 -24.42 -8.72 -28.51
CA THR B 286 -24.36 -10.13 -28.54
C THR B 286 -23.07 -10.60 -27.91
N THR B 287 -23.09 -11.80 -27.36
CA THR B 287 -22.01 -12.41 -26.65
C THR B 287 -21.56 -13.64 -27.45
N VAL B 288 -20.28 -13.71 -27.79
CA VAL B 288 -19.71 -14.92 -28.34
C VAL B 288 -19.02 -15.82 -27.31
N GLY B 289 -19.48 -17.08 -27.27
CA GLY B 289 -19.08 -18.09 -26.31
C GLY B 289 -17.62 -18.46 -26.49
N GLY B 290 -16.98 -18.75 -25.35
CA GLY B 290 -15.58 -19.18 -25.42
C GLY B 290 -15.30 -20.50 -24.82
N VAL B 291 -14.05 -20.93 -24.96
CA VAL B 291 -13.56 -22.13 -24.22
C VAL B 291 -12.86 -21.70 -22.93
N ARG B 292 -12.83 -22.61 -21.97
CA ARG B 292 -12.15 -22.44 -20.71
C ARG B 292 -10.76 -21.80 -20.91
N PRO B 293 -10.51 -20.65 -20.26
CA PRO B 293 -9.18 -20.05 -20.32
C PRO B 293 -8.14 -21.08 -19.88
N ALA B 294 -7.03 -21.12 -20.58
CA ALA B 294 -6.01 -22.12 -20.38
C ALA B 294 -4.65 -21.64 -20.76
N ARG B 295 -3.63 -22.28 -20.16
CA ARG B 295 -2.21 -21.97 -20.49
C ARG B 295 -1.79 -22.49 -21.80
N HIS B 296 -2.31 -23.62 -22.26
CA HIS B 296 -2.00 -24.18 -23.57
C HIS B 296 -3.21 -24.90 -24.23
N HIS B 297 -3.28 -24.88 -25.57
CA HIS B 297 -4.31 -25.65 -26.28
C HIS B 297 -3.66 -26.80 -27.09
N PHE C 12 -21.74 30.08 -28.85
CA PHE C 12 -20.58 30.39 -29.72
C PHE C 12 -21.05 30.77 -31.13
N GLU C 13 -20.81 32.02 -31.53
CA GLU C 13 -21.16 32.54 -32.88
C GLU C 13 -19.97 32.67 -33.82
N ARG C 14 -18.80 32.92 -33.29
CA ARG C 14 -17.59 33.14 -34.09
C ARG C 14 -16.78 31.87 -34.32
N ILE C 15 -16.88 30.88 -33.41
CA ILE C 15 -16.11 29.60 -33.55
C ILE C 15 -17.05 28.43 -33.44
N ALA C 16 -16.60 27.28 -33.96
CA ALA C 16 -17.34 26.03 -33.72
C ALA C 16 -16.59 25.16 -32.67
N VAL C 17 -17.31 24.79 -31.61
CA VAL C 17 -16.76 24.05 -30.46
C VAL C 17 -17.39 22.66 -30.35
N GLN C 18 -16.59 21.60 -30.43
CA GLN C 18 -17.09 20.20 -30.32
C GLN C 18 -16.44 19.50 -29.08
N PRO C 19 -17.13 19.42 -27.94
CA PRO C 19 -16.54 18.79 -26.77
C PRO C 19 -16.11 17.33 -27.00
N LEU C 20 -15.01 16.97 -26.38
CA LEU C 20 -14.40 15.68 -26.56
C LEU C 20 -15.00 14.63 -25.61
N THR C 21 -15.40 15.03 -24.41
CA THR C 21 -15.97 14.14 -23.38
C THR C 21 -16.93 14.99 -22.54
N GLY C 22 -17.54 14.36 -21.55
CA GLY C 22 -18.40 15.07 -20.58
C GLY C 22 -17.61 15.81 -19.51
N VAL C 23 -16.28 15.73 -19.49
CA VAL C 23 -15.52 16.35 -18.41
C VAL C 23 -14.63 17.48 -18.86
N LEU C 24 -13.83 17.24 -19.88
CA LEU C 24 -12.98 18.26 -20.43
C LEU C 24 -12.57 17.93 -21.84
N GLY C 25 -12.03 18.95 -22.52
CA GLY C 25 -11.48 18.80 -23.86
C GLY C 25 -12.51 19.28 -24.91
N ALA C 26 -12.06 20.07 -25.89
CA ALA C 26 -12.86 20.44 -27.02
C ALA C 26 -12.06 20.77 -28.27
N GLU C 27 -12.64 20.36 -29.40
CA GLU C 27 -12.15 20.71 -30.72
C GLU C 27 -12.72 22.10 -31.11
N ILE C 28 -11.85 22.98 -31.54
CA ILE C 28 -12.25 24.30 -32.03
C ILE C 28 -11.93 24.39 -33.52
N THR C 29 -12.97 24.69 -34.31
CA THR C 29 -12.83 24.99 -35.75
C THR C 29 -13.49 26.32 -36.12
N GLY C 30 -13.34 26.68 -37.40
CA GLY C 30 -13.86 27.95 -37.94
C GLY C 30 -12.98 29.13 -37.57
N VAL C 31 -11.67 28.89 -37.50
CA VAL C 31 -10.72 29.91 -37.10
C VAL C 31 -9.42 29.71 -37.85
N ASP C 32 -8.77 30.81 -38.23
CA ASP C 32 -7.52 30.76 -38.96
C ASP C 32 -6.48 31.44 -38.09
N LEU C 33 -5.64 30.63 -37.47
CA LEU C 33 -4.63 31.15 -36.55
C LEU C 33 -3.43 31.79 -37.27
N ARG C 34 -3.38 31.71 -38.61
CA ARG C 34 -2.41 32.52 -39.40
C ARG C 34 -2.72 34.01 -39.30
N GLU C 35 -4.00 34.35 -39.03
CA GLU C 35 -4.48 35.73 -38.97
C GLU C 35 -4.62 36.27 -37.55
N PRO C 36 -4.50 37.59 -37.37
CA PRO C 36 -4.93 38.20 -36.11
C PRO C 36 -6.43 37.94 -35.85
N LEU C 37 -6.76 37.82 -34.57
CA LEU C 37 -8.10 37.45 -34.14
C LEU C 37 -8.78 38.70 -33.68
N ASP C 38 -10.00 38.95 -34.17
CA ASP C 38 -10.78 40.07 -33.63
C ASP C 38 -11.17 39.79 -32.16
N ASP C 39 -11.69 40.80 -31.48
CA ASP C 39 -11.97 40.72 -30.05
C ASP C 39 -13.05 39.68 -29.74
N SER C 40 -14.13 39.72 -30.49
CA SER C 40 -15.23 38.80 -30.34
C SER C 40 -14.81 37.30 -30.46
N THR C 41 -13.95 36.98 -31.44
CA THR C 41 -13.46 35.63 -31.69
C THR C 41 -12.47 35.19 -30.56
N TRP C 42 -11.58 36.09 -30.15
CA TRP C 42 -10.68 35.82 -29.06
C TRP C 42 -11.47 35.53 -27.81
N ASN C 43 -12.48 36.35 -27.51
CA ASN C 43 -13.21 36.19 -26.26
C ASN C 43 -13.92 34.84 -26.22
N GLU C 44 -14.38 34.34 -27.35
CA GLU C 44 -15.00 33.02 -27.43
C GLU C 44 -14.00 31.90 -27.25
N ILE C 45 -12.80 32.05 -27.80
CA ILE C 45 -11.74 31.10 -27.60
C ILE C 45 -11.37 31.05 -26.12
N LEU C 46 -11.30 32.21 -25.45
CA LEU C 46 -10.96 32.25 -24.05
C LEU C 46 -12.04 31.61 -23.20
N ASP C 47 -13.30 31.85 -23.55
CA ASP C 47 -14.45 31.23 -22.90
C ASP C 47 -14.32 29.71 -23.00
N ALA C 48 -14.07 29.22 -24.22
CA ALA C 48 -13.94 27.80 -24.48
C ALA C 48 -12.78 27.20 -23.69
N PHE C 49 -11.66 27.92 -23.64
CA PHE C 49 -10.51 27.52 -22.83
C PHE C 49 -10.84 27.38 -21.35
N HIS C 50 -11.53 28.37 -20.81
CA HIS C 50 -11.91 28.37 -19.41
C HIS C 50 -12.87 27.24 -19.10
N THR C 51 -13.77 26.93 -20.00
CA THR C 51 -14.76 25.86 -19.81
C THR C 51 -14.15 24.45 -20.01
N TYR C 52 -13.48 24.26 -21.15
CA TYR C 52 -13.04 22.96 -21.60
C TYR C 52 -11.63 22.57 -21.19
N GLN C 53 -10.82 23.57 -20.82
CA GLN C 53 -9.54 23.38 -20.09
C GLN C 53 -8.41 22.87 -20.95
N VAL C 54 -8.73 22.03 -21.93
CA VAL C 54 -7.78 21.71 -22.98
C VAL C 54 -8.53 21.83 -24.31
N ILE C 55 -7.98 22.60 -25.23
CA ILE C 55 -8.62 22.86 -26.51
C ILE C 55 -7.64 22.59 -27.63
N TYR C 56 -8.14 22.08 -28.75
CA TYR C 56 -7.27 21.78 -29.88
C TYR C 56 -7.89 22.27 -31.22
N PHE C 57 -7.01 22.75 -32.10
CA PHE C 57 -7.36 23.42 -33.36
C PHE C 57 -6.72 22.60 -34.49
N PRO C 58 -7.51 21.79 -35.19
CA PRO C 58 -6.91 20.90 -36.16
C PRO C 58 -6.08 21.39 -37.33
N GLY C 59 -6.46 22.35 -38.18
CA GLY C 59 -5.73 22.43 -39.47
C GLY C 59 -4.91 23.69 -39.56
N GLN C 60 -3.87 23.86 -38.74
CA GLN C 60 -3.34 25.21 -38.51
C GLN C 60 -1.89 25.20 -38.86
N ALA C 61 -1.62 25.36 -40.15
CA ALA C 61 -0.25 25.31 -40.68
C ALA C 61 0.30 26.69 -40.51
N ILE C 62 0.82 26.96 -39.31
CA ILE C 62 1.21 28.29 -38.91
C ILE C 62 2.72 28.38 -38.83
N THR C 63 3.20 29.60 -38.77
CA THR C 63 4.62 29.85 -38.64
C THR C 63 4.96 30.10 -37.18
N ASN C 64 6.26 30.15 -36.90
CA ASN C 64 6.72 30.44 -35.55
C ASN C 64 6.19 31.77 -34.99
N GLU C 65 6.24 32.88 -35.76
CA GLU C 65 5.77 34.17 -35.31
C GLU C 65 4.28 34.11 -35.02
N GLN C 66 3.54 33.42 -35.87
CA GLN C 66 2.09 33.28 -35.66
C GLN C 66 1.74 32.45 -34.37
N HIS C 67 2.53 31.40 -34.11
CA HIS C 67 2.41 30.56 -32.93
C HIS C 67 2.67 31.45 -31.71
N ILE C 68 3.75 32.21 -31.77
CA ILE C 68 4.09 33.16 -30.71
C ILE C 68 2.99 34.18 -30.48
N ALA C 69 2.43 34.74 -31.55
CA ALA C 69 1.43 35.80 -31.42
C ALA C 69 0.12 35.26 -30.82
N PHE C 70 -0.29 34.08 -31.26
CA PHE C 70 -1.44 33.38 -30.66
C PHE C 70 -1.21 33.13 -29.14
N SER C 71 -0.04 32.65 -28.80
CA SER C 71 0.36 32.40 -27.41
C SER C 71 0.24 33.64 -26.54
N ARG C 72 0.70 34.78 -27.10
CA ARG C 72 0.67 36.08 -26.39
C ARG C 72 -0.74 36.51 -26.04
N ARG C 73 -1.76 36.05 -26.74
CA ARG C 73 -3.13 36.42 -26.33
C ARG C 73 -3.45 35.88 -24.94
N PHE C 74 -2.80 34.80 -24.49
CA PHE C 74 -3.13 34.13 -23.19
C PHE C 74 -2.39 34.79 -22.02
N GLY C 75 -1.25 35.43 -22.31
CA GLY C 75 -0.35 36.00 -21.30
C GLY C 75 1.06 36.07 -21.91
N PRO C 76 2.01 36.64 -21.17
CA PRO C 76 3.36 36.79 -21.69
C PRO C 76 4.06 35.45 -21.79
N VAL C 77 5.02 35.35 -22.70
CA VAL C 77 5.87 34.15 -22.81
C VAL C 77 7.06 33.96 -21.86
N ASP C 78 6.98 32.89 -21.06
CA ASP C 78 7.96 32.58 -20.06
C ASP C 78 8.41 31.12 -20.29
N PRO C 79 9.50 30.87 -21.10
CA PRO C 79 10.06 29.53 -21.29
C PRO C 79 10.24 28.66 -20.04
N VAL C 80 10.01 27.36 -20.20
CA VAL C 80 10.19 26.35 -19.17
C VAL C 80 11.70 25.94 -19.01
N PRO C 81 12.21 25.87 -17.75
CA PRO C 81 13.61 25.52 -17.51
C PRO C 81 14.24 24.34 -18.28
N LEU C 82 13.54 23.21 -18.39
CA LEU C 82 14.17 21.94 -18.77
C LEU C 82 14.38 21.78 -20.29
N LEU C 83 13.55 22.43 -21.10
CA LEU C 83 13.49 22.12 -22.55
C LEU C 83 14.44 22.97 -23.43
N LYS C 84 15.05 22.30 -24.40
CA LYS C 84 15.78 22.99 -25.50
C LYS C 84 14.99 23.88 -26.52
N SER C 85 15.47 25.10 -26.67
CA SER C 85 14.89 26.04 -27.65
C SER C 85 15.16 25.64 -29.09
N ILE C 86 14.22 25.95 -29.96
CA ILE C 86 14.54 25.83 -31.40
C ILE C 86 15.44 26.97 -31.84
N GLU C 87 16.38 26.57 -32.68
CA GLU C 87 17.24 27.44 -33.47
C GLU C 87 16.42 28.57 -34.16
N GLY C 88 16.78 29.80 -33.83
CA GLY C 88 16.13 31.00 -34.39
C GLY C 88 15.07 31.58 -33.47
N TYR C 89 14.54 30.80 -32.52
CA TYR C 89 13.42 31.24 -31.69
C TYR C 89 13.55 30.73 -30.25
N PRO C 90 14.16 31.53 -29.35
CA PRO C 90 14.26 31.13 -27.95
C PRO C 90 12.92 30.88 -27.23
N GLU C 91 11.83 31.53 -27.66
CA GLU C 91 10.54 31.26 -27.01
C GLU C 91 9.86 29.94 -27.42
N VAL C 92 10.34 29.29 -28.48
CA VAL C 92 9.73 28.07 -28.95
C VAL C 92 10.60 26.91 -28.57
N GLN C 93 10.07 25.89 -27.88
CA GLN C 93 10.88 24.78 -27.34
C GLN C 93 10.43 23.49 -28.01
N MET C 94 11.36 22.53 -28.05
CA MET C 94 11.05 21.26 -28.68
C MET C 94 10.47 20.31 -27.61
N ILE C 95 9.45 19.56 -28.03
CA ILE C 95 9.30 18.22 -27.48
C ILE C 95 9.69 17.24 -28.58
N ARG C 96 10.81 16.55 -28.46
CA ARG C 96 11.24 15.68 -29.53
C ARG C 96 11.81 14.40 -29.05
N ARG C 97 11.42 13.35 -29.74
CA ARG C 97 11.97 12.04 -29.53
C ARG C 97 12.29 11.48 -30.96
N GLU C 98 13.46 10.85 -31.07
CA GLU C 98 13.99 10.33 -32.34
C GLU C 98 13.56 8.88 -32.46
N GLY C 99 13.47 8.40 -33.71
CA GLY C 99 13.31 6.97 -34.03
C GLY C 99 14.13 6.03 -33.16
N ASP C 100 15.41 6.31 -32.99
CA ASP C 100 16.33 5.35 -32.32
C ASP C 100 16.35 5.42 -30.76
N GLU C 101 15.75 6.46 -30.15
CA GLU C 101 15.86 6.74 -28.68
C GLU C 101 15.25 5.66 -27.78
N SER C 102 15.96 5.24 -26.73
CA SER C 102 15.38 4.32 -25.74
C SER C 102 15.37 4.88 -24.30
N GLY C 103 15.89 6.11 -24.09
CA GLY C 103 15.95 6.74 -22.76
C GLY C 103 14.60 7.22 -22.21
N ARG C 104 14.66 7.84 -21.04
CA ARG C 104 13.48 8.35 -20.36
C ARG C 104 12.60 9.23 -21.29
N VAL C 105 11.29 8.96 -21.29
CA VAL C 105 10.34 9.75 -22.08
C VAL C 105 9.85 10.92 -21.22
N ILE C 106 9.85 12.09 -21.85
CA ILE C 106 9.40 13.32 -21.22
C ILE C 106 7.89 13.16 -20.95
N GLY C 107 7.51 13.34 -19.68
CA GLY C 107 6.12 13.43 -19.28
C GLY C 107 5.26 12.19 -19.05
N ASP C 108 5.82 11.01 -18.87
CA ASP C 108 5.03 9.72 -18.72
C ASP C 108 4.65 9.28 -17.27
N ASP C 109 4.49 10.28 -16.40
N ASP C 109 4.42 10.30 -16.45
CA ASP C 109 3.59 10.19 -15.26
CA ASP C 109 3.58 10.19 -15.28
C ASP C 109 2.68 11.41 -15.28
C ASP C 109 2.65 11.41 -15.28
N TRP C 110 1.51 11.29 -14.65
CA TRP C 110 0.58 12.38 -14.64
C TRP C 110 1.22 13.57 -13.95
N HIS C 111 1.18 14.74 -14.55
CA HIS C 111 1.80 15.93 -13.98
C HIS C 111 1.22 17.15 -14.63
N THR C 112 1.53 18.30 -14.06
CA THR C 112 1.39 19.55 -14.83
C THR C 112 2.76 20.18 -14.76
N ASP C 113 3.04 21.12 -15.64
CA ASP C 113 4.44 21.44 -15.89
C ASP C 113 5.06 22.40 -14.88
N SER C 114 6.24 22.02 -14.45
CA SER C 114 7.18 22.86 -13.76
C SER C 114 6.65 23.44 -12.42
N THR C 115 5.97 22.58 -11.63
CA THR C 115 5.30 23.02 -10.44
C THR C 115 6.30 23.35 -9.33
N PHE C 116 7.55 22.94 -9.51
CA PHE C 116 8.67 23.32 -8.67
C PHE C 116 9.03 24.81 -8.72
N LEU C 117 8.51 25.55 -9.71
CA LEU C 117 8.64 27.00 -9.76
C LEU C 117 7.68 27.72 -8.79
N ASP C 118 8.09 28.89 -8.26
CA ASP C 118 7.30 29.75 -7.45
C ASP C 118 6.13 30.12 -8.28
N ALA C 119 6.33 30.39 -9.56
CA ALA C 119 5.23 30.77 -10.46
C ALA C 119 5.23 29.89 -11.75
N PRO C 120 4.59 28.71 -11.69
CA PRO C 120 4.61 27.86 -12.89
C PRO C 120 3.83 28.43 -14.04
N PRO C 121 4.04 27.93 -15.25
CA PRO C 121 3.22 28.33 -16.41
C PRO C 121 1.73 28.31 -16.15
N ALA C 122 1.03 29.23 -16.77
CA ALA C 122 -0.41 29.27 -16.81
C ALA C 122 -0.94 28.38 -17.91
N ALA C 123 -0.19 28.18 -18.96
CA ALA C 123 -0.74 27.52 -20.14
C ALA C 123 0.36 27.15 -21.07
N VAL C 124 0.07 26.15 -21.90
CA VAL C 124 1.00 25.79 -22.94
C VAL C 124 0.33 25.60 -24.27
N VAL C 125 0.99 26.10 -25.32
CA VAL C 125 0.49 25.97 -26.65
C VAL C 125 1.47 25.22 -27.48
N MET C 126 1.01 24.06 -27.92
CA MET C 126 1.89 23.06 -28.48
C MET C 126 1.35 22.72 -29.87
N ARG C 127 2.24 22.54 -30.82
CA ARG C 127 1.88 22.36 -32.24
C ARG C 127 2.61 21.14 -32.79
N ALA C 128 1.87 20.28 -33.48
CA ALA C 128 2.47 19.08 -34.04
C ALA C 128 3.28 19.40 -35.32
N ILE C 129 4.54 19.00 -35.37
CA ILE C 129 5.37 19.23 -36.55
C ILE C 129 5.47 17.95 -37.36
N ASP C 130 5.93 16.89 -36.73
CA ASP C 130 6.05 15.62 -37.39
C ASP C 130 5.69 14.54 -36.34
N VAL C 131 4.50 13.94 -36.53
CA VAL C 131 3.95 12.98 -35.54
C VAL C 131 3.48 11.69 -36.15
N PRO C 132 3.55 10.60 -35.37
CA PRO C 132 3.13 9.31 -35.90
C PRO C 132 1.68 9.29 -36.39
N GLU C 133 1.41 8.43 -37.37
CA GLU C 133 0.08 8.29 -37.88
C GLU C 133 -0.87 7.68 -36.82
N HIS C 134 -0.32 6.78 -36.01
CA HIS C 134 -1.00 6.27 -34.81
C HIS C 134 0.01 6.06 -33.69
N GLY C 135 -0.33 6.52 -32.51
CA GLY C 135 0.62 6.64 -31.41
C GLY C 135 0.88 8.05 -31.00
N GLY C 136 1.44 8.19 -29.78
CA GLY C 136 1.81 9.49 -29.26
C GLY C 136 0.70 10.39 -28.78
N ASP C 137 -0.45 9.81 -28.40
CA ASP C 137 -1.50 10.61 -27.79
C ASP C 137 -0.99 11.26 -26.50
N THR C 138 -1.73 12.27 -26.05
CA THR C 138 -1.52 12.86 -24.75
C THR C 138 -2.79 12.78 -23.98
N GLY C 139 -2.69 12.21 -22.79
CA GLY C 139 -3.79 12.26 -21.80
C GLY C 139 -3.89 13.58 -21.09
N PHE C 140 -5.09 14.01 -20.79
CA PHE C 140 -5.36 15.18 -19.95
C PHE C 140 -6.40 14.84 -18.92
N LEU C 141 -6.41 15.56 -17.81
CA LEU C 141 -7.49 15.42 -16.82
C LEU C 141 -7.83 16.72 -16.19
N SER C 142 -9.03 16.83 -15.62
CA SER C 142 -9.47 18.05 -14.95
C SER C 142 -9.30 17.96 -13.43
N MET C 143 -8.50 18.85 -12.87
CA MET C 143 -8.41 18.97 -11.43
C MET C 143 -9.58 19.70 -10.78
N TYR C 144 -10.43 20.36 -11.56
CA TYR C 144 -11.67 20.87 -11.00
C TYR C 144 -12.51 19.64 -10.61
N THR C 145 -12.69 18.74 -11.57
CA THR C 145 -13.51 17.58 -11.34
C THR C 145 -12.92 16.67 -10.23
N ALA C 146 -11.60 16.55 -10.19
CA ALA C 146 -10.94 15.81 -9.10
C ALA C 146 -11.30 16.37 -7.74
N TRP C 147 -11.29 17.69 -7.61
CA TRP C 147 -11.65 18.35 -6.36
C TRP C 147 -13.13 18.19 -5.99
N GLU C 148 -13.97 18.30 -7.00
CA GLU C 148 -15.45 18.37 -6.80
C GLU C 148 -16.05 17.03 -6.50
N THR C 149 -15.32 15.95 -6.76
CA THR C 149 -15.78 14.61 -6.43
C THR C 149 -15.29 14.12 -5.08
N LEU C 150 -14.54 14.93 -4.35
CA LEU C 150 -14.20 14.61 -2.96
C LEU C 150 -15.40 14.95 -2.06
N SER C 151 -15.63 14.17 -1.02
CA SER C 151 -16.66 14.45 -0.04
C SER C 151 -16.43 15.81 0.64
N PRO C 152 -17.51 16.43 1.12
CA PRO C 152 -17.33 17.69 1.86
C PRO C 152 -16.38 17.56 3.01
N THR C 153 -16.41 16.44 3.70
CA THR C 153 -15.53 16.26 4.84
C THR C 153 -14.06 16.13 4.40
N MET C 154 -13.82 15.40 3.33
CA MET C 154 -12.43 15.32 2.82
C MET C 154 -11.97 16.71 2.41
N GLN C 155 -12.83 17.42 1.67
CA GLN C 155 -12.51 18.78 1.27
C GLN C 155 -12.13 19.67 2.45
N ALA C 156 -12.95 19.66 3.48
CA ALA C 156 -12.72 20.54 4.66
C ALA C 156 -11.45 20.14 5.36
N THR C 157 -11.11 18.84 5.30
CA THR C 157 -9.94 18.33 6.01
C THR C 157 -8.64 18.79 5.37
N ILE C 158 -8.62 18.90 4.04
CA ILE C 158 -7.37 19.16 3.32
C ILE C 158 -7.26 20.50 2.67
N GLU C 159 -8.35 21.26 2.65
CA GLU C 159 -8.39 22.56 1.94
C GLU C 159 -7.32 23.51 2.42
N GLY C 160 -6.94 23.47 3.71
CA GLY C 160 -5.94 24.41 4.21
C GLY C 160 -4.51 23.90 4.07
N LEU C 161 -4.29 22.72 3.51
CA LEU C 161 -2.92 22.19 3.46
C LEU C 161 -2.15 22.75 2.32
N ASN C 162 -0.83 22.82 2.46
CA ASN C 162 0.05 23.19 1.38
C ASN C 162 0.98 22.03 1.11
N VAL C 163 1.59 22.01 -0.06
CA VAL C 163 2.40 20.88 -0.50
C VAL C 163 3.77 21.38 -0.97
N VAL C 164 4.81 20.66 -0.62
CA VAL C 164 6.16 20.96 -1.03
C VAL C 164 6.44 20.34 -2.38
N HIS C 165 6.82 21.15 -3.36
CA HIS C 165 7.20 20.71 -4.68
C HIS C 165 8.72 20.88 -4.89
N SER C 166 9.36 19.94 -5.57
CA SER C 166 10.69 20.16 -6.13
C SER C 166 10.93 19.26 -7.32
N ALA C 167 11.98 19.55 -8.06
CA ALA C 167 12.40 18.77 -9.20
C ALA C 167 13.42 17.73 -8.87
N THR C 168 13.52 17.33 -7.61
CA THR C 168 14.59 16.43 -7.21
C THR C 168 14.59 15.09 -8.00
N ARG C 169 13.44 14.58 -8.39
CA ARG C 169 13.37 13.27 -9.12
C ARG C 169 13.51 13.44 -10.64
N VAL C 170 13.50 14.68 -11.13
CA VAL C 170 13.60 14.97 -12.52
C VAL C 170 15.01 15.44 -12.89
N PHE C 171 15.57 16.40 -12.17
CA PHE C 171 16.97 16.79 -12.40
C PHE C 171 17.79 17.17 -11.17
N GLY C 172 17.36 16.71 -9.98
CA GLY C 172 18.07 16.97 -8.73
C GLY C 172 18.76 15.72 -8.24
N SER C 173 19.00 15.65 -6.94
CA SER C 173 19.75 14.56 -6.35
C SER C 173 19.15 13.18 -6.47
N LEU C 174 17.83 13.08 -6.38
CA LEU C 174 17.20 11.74 -6.49
C LEU C 174 17.29 11.23 -7.91
N TYR C 175 17.11 12.09 -8.90
CA TYR C 175 17.43 11.74 -10.28
C TYR C 175 18.86 11.24 -10.43
N GLN C 176 19.85 12.02 -9.98
CA GLN C 176 21.26 11.63 -10.09
C GLN C 176 21.54 10.29 -9.42
N ALA C 177 20.92 10.05 -8.28
CA ALA C 177 21.05 8.77 -7.58
C ALA C 177 20.42 7.50 -8.28
N GLN C 178 19.66 7.63 -9.36
CA GLN C 178 18.98 6.48 -10.04
C GLN C 178 19.52 6.37 -11.48
N ASN C 179 19.12 5.32 -12.20
CA ASN C 179 19.63 4.94 -13.57
C ASN C 179 18.74 5.29 -14.79
N ARG C 180 17.47 5.66 -14.59
CA ARG C 180 16.59 6.00 -15.72
C ARG C 180 16.86 7.43 -16.29
N ARG C 181 17.56 7.51 -17.42
CA ARG C 181 18.17 8.78 -17.88
C ARG C 181 17.52 9.43 -19.15
N PHE C 182 17.27 10.74 -19.10
CA PHE C 182 16.81 11.51 -20.26
C PHE C 182 17.90 11.58 -21.34
N SER C 183 17.47 11.62 -22.59
CA SER C 183 18.35 11.82 -23.73
C SER C 183 18.83 13.29 -23.81
N ASN C 184 20.06 13.51 -24.34
CA ASN C 184 20.50 14.90 -24.69
C ASN C 184 19.62 15.63 -25.76
N THR C 185 18.78 14.86 -26.45
CA THR C 185 17.91 15.29 -27.58
C THR C 185 16.98 16.50 -27.36
N SER C 186 16.14 16.48 -26.32
CA SER C 186 15.16 17.58 -26.13
C SER C 186 15.38 18.41 -24.84
N VAL C 187 16.41 18.02 -24.08
CA VAL C 187 16.54 18.29 -22.67
C VAL C 187 17.91 18.95 -22.40
N LYS C 188 17.90 20.08 -21.68
CA LYS C 188 19.16 20.79 -21.35
C LYS C 188 19.92 20.13 -20.20
N VAL C 189 21.24 20.33 -20.18
CA VAL C 189 22.07 20.06 -18.98
C VAL C 189 21.61 21.02 -17.86
N MET C 190 21.54 20.50 -16.63
CA MET C 190 20.86 21.21 -15.52
C MET C 190 21.69 21.22 -14.22
N ASP C 191 21.35 22.18 -13.36
CA ASP C 191 21.92 22.33 -12.00
C ASP C 191 21.19 21.46 -10.95
N VAL C 192 21.92 20.64 -10.23
CA VAL C 192 21.39 19.79 -9.13
C VAL C 192 20.76 20.55 -7.96
N ASP C 193 21.35 21.67 -7.56
CA ASP C 193 20.78 22.50 -6.47
C ASP C 193 19.44 23.07 -6.89
N ALA C 194 19.32 23.47 -8.15
CA ALA C 194 18.06 23.99 -8.67
C ALA C 194 16.99 22.84 -8.75
N GLY C 195 17.44 21.62 -8.98
CA GLY C 195 16.61 20.43 -8.95
C GLY C 195 16.05 20.12 -7.58
N ASP C 196 16.83 20.42 -6.54
CA ASP C 196 16.49 20.18 -5.14
C ASP C 196 15.74 21.32 -4.47
N ARG C 197 15.73 22.49 -5.07
CA ARG C 197 15.13 23.63 -4.46
C ARG C 197 13.61 23.45 -4.29
N GLU C 198 13.13 23.67 -3.07
CA GLU C 198 11.74 23.46 -2.72
C GLU C 198 10.89 24.71 -2.88
N THR C 199 9.65 24.54 -3.29
CA THR C 199 8.66 25.61 -3.28
C THR C 199 7.44 25.03 -2.65
N VAL C 200 6.54 25.85 -2.11
CA VAL C 200 5.33 25.38 -1.52
C VAL C 200 4.15 26.00 -2.22
N HIS C 201 3.15 25.17 -2.57
CA HIS C 201 1.91 25.64 -3.17
C HIS C 201 0.73 25.12 -2.41
N PRO C 202 -0.39 25.80 -2.53
CA PRO C 202 -1.57 25.26 -1.88
C PRO C 202 -1.97 23.95 -2.53
N LEU C 203 -2.64 23.12 -1.72
CA LEU C 203 -3.18 21.86 -2.16
C LEU C 203 -4.41 22.08 -3.01
N VAL C 204 -5.09 23.17 -2.72
CA VAL C 204 -6.29 23.58 -3.43
C VAL C 204 -6.08 24.99 -3.91
N VAL C 205 -6.23 25.22 -5.21
CA VAL C 205 -5.95 26.53 -5.83
C VAL C 205 -7.20 27.10 -6.50
N THR C 206 -7.28 28.44 -6.51
CA THR C 206 -8.35 29.13 -7.20
C THR C 206 -7.81 29.64 -8.50
N HIS C 207 -8.46 29.26 -9.60
CA HIS C 207 -7.98 29.64 -10.92
C HIS C 207 -8.22 31.16 -11.07
N PRO C 208 -7.21 31.92 -11.42
CA PRO C 208 -7.39 33.40 -11.48
C PRO C 208 -8.32 33.91 -12.60
N GLY C 209 -8.53 33.15 -13.66
CA GLY C 209 -9.47 33.48 -14.75
C GLY C 209 -10.89 32.93 -14.57
N SER C 210 -11.05 31.70 -14.13
CA SER C 210 -12.38 31.13 -14.02
C SER C 210 -12.94 31.35 -12.64
N GLY C 211 -12.10 31.63 -11.65
CA GLY C 211 -12.57 31.63 -10.24
C GLY C 211 -12.87 30.27 -9.61
N ARG C 212 -12.62 29.15 -10.32
CA ARG C 212 -12.96 27.81 -9.79
C ARG C 212 -11.80 27.23 -8.96
N LYS C 213 -12.16 26.45 -7.95
CA LYS C 213 -11.22 25.67 -7.19
C LYS C 213 -10.88 24.36 -7.86
N GLY C 214 -9.60 24.03 -7.85
CA GLY C 214 -9.11 22.79 -8.31
C GLY C 214 -8.05 22.25 -7.37
N LEU C 215 -7.91 20.93 -7.40
CA LEU C 215 -6.85 20.24 -6.68
C LEU C 215 -5.52 20.56 -7.37
N TYR C 216 -4.46 20.62 -6.62
CA TYR C 216 -3.16 20.94 -7.15
C TYR C 216 -2.09 20.09 -6.51
N VAL C 217 -1.88 18.90 -7.05
CA VAL C 217 -0.91 18.02 -6.53
C VAL C 217 -0.50 17.11 -7.68
N ASN C 218 0.76 16.69 -7.69
CA ASN C 218 1.20 15.77 -8.72
C ASN C 218 2.35 14.93 -8.23
N GLN C 219 2.46 13.73 -8.77
CA GLN C 219 3.41 12.73 -8.26
C GLN C 219 4.85 13.01 -8.73
N VAL C 220 5.01 13.73 -9.81
CA VAL C 220 6.33 13.98 -10.30
C VAL C 220 7.12 14.98 -9.41
N TYR C 221 6.47 16.04 -8.98
CA TYR C 221 7.10 17.11 -8.26
C TYR C 221 6.77 17.17 -6.75
N CYS C 222 5.65 16.62 -6.30
CA CYS C 222 5.26 16.76 -4.90
C CYS C 222 6.01 15.80 -4.01
N GLN C 223 6.61 16.30 -2.94
CA GLN C 223 7.44 15.52 -2.00
C GLN C 223 6.68 15.19 -0.69
N ARG C 224 5.96 16.15 -0.14
CA ARG C 224 5.32 16.03 1.17
C ARG C 224 4.37 17.17 1.37
N ILE C 225 3.52 17.04 2.36
CA ILE C 225 2.63 18.11 2.75
C ILE C 225 3.48 19.00 3.70
N GLU C 226 3.40 20.31 3.51
CA GLU C 226 4.10 21.26 4.34
C GLU C 226 3.71 21.10 5.79
N GLY C 227 4.71 20.80 6.61
CA GLY C 227 4.56 20.62 8.05
C GLY C 227 4.45 19.19 8.44
N MET C 228 4.34 18.29 7.45
CA MET C 228 4.20 16.87 7.73
C MET C 228 5.51 16.19 7.36
N SER C 229 5.77 15.04 7.94
CA SER C 229 6.80 14.14 7.43
C SER C 229 6.34 13.49 6.12
N GLU C 230 7.28 12.88 5.42
CA GLU C 230 7.01 12.15 4.22
C GLU C 230 6.12 11.01 4.50
N LYS C 231 6.40 10.26 5.57
CA LYS C 231 5.54 9.18 5.94
C LYS C 231 4.12 9.59 6.23
N GLU C 232 3.96 10.70 6.95
CA GLU C 232 2.63 11.26 7.22
C GLU C 232 1.93 11.67 5.99
N SER C 233 2.69 12.14 4.99
CA SER C 233 2.12 12.74 3.80
C SER C 233 1.68 11.71 2.78
N GLU C 234 2.38 10.61 2.74
CA GLU C 234 2.26 9.58 1.70
C GLU C 234 0.85 9.03 1.51
N PRO C 235 0.14 8.74 2.59
CA PRO C 235 -1.21 8.21 2.39
C PRO C 235 -2.16 9.17 1.73
N LEU C 236 -2.15 10.40 2.21
CA LEU C 236 -2.95 11.41 1.59
C LEU C 236 -2.54 11.69 0.10
N LEU C 237 -1.26 11.86 -0.15
CA LEU C 237 -0.81 12.17 -1.50
C LEU C 237 -1.12 11.01 -2.45
N SER C 238 -0.90 9.78 -2.01
CA SER C 238 -1.18 8.61 -2.83
C SER C 238 -2.67 8.45 -3.14
N PHE C 239 -3.51 8.73 -2.15
CA PHE C 239 -4.89 8.72 -2.36
C PHE C 239 -5.26 9.79 -3.41
N LEU C 240 -4.72 10.99 -3.32
CA LEU C 240 -5.12 12.04 -4.24
C LEU C 240 -4.63 11.74 -5.65
N PHE C 241 -3.45 11.14 -5.79
CA PHE C 241 -2.94 10.78 -7.11
C PHE C 241 -3.85 9.74 -7.75
N ALA C 242 -4.26 8.73 -6.99
CA ALA C 242 -5.11 7.69 -7.55
C ALA C 242 -6.51 8.29 -7.85
N HIS C 243 -7.02 9.14 -6.97
CA HIS C 243 -8.35 9.73 -7.14
C HIS C 243 -8.43 10.64 -8.37
N ALA C 244 -7.43 11.51 -8.55
CA ALA C 244 -7.49 12.50 -9.66
C ALA C 244 -7.36 11.88 -11.05
N THR C 245 -6.78 10.66 -11.12
CA THR C 245 -6.43 10.03 -12.40
C THR C 245 -7.36 8.94 -12.83
N LYS C 246 -8.51 8.79 -12.16
CA LYS C 246 -9.53 7.86 -12.62
C LYS C 246 -9.90 8.18 -14.09
N PRO C 247 -10.13 7.17 -14.91
CA PRO C 247 -10.39 7.42 -16.32
C PRO C 247 -11.53 8.39 -16.60
N GLU C 248 -12.57 8.37 -15.81
CA GLU C 248 -13.68 9.27 -16.06
C GLU C 248 -13.38 10.76 -15.85
N PHE C 249 -12.21 11.11 -15.28
CA PHE C 249 -11.83 12.51 -15.12
C PHE C 249 -10.91 12.99 -16.22
N THR C 250 -10.77 12.21 -17.27
CA THR C 250 -9.66 12.24 -18.21
C THR C 250 -10.23 12.43 -19.62
N CYS C 251 -9.38 12.86 -20.54
CA CYS C 251 -9.63 12.74 -21.96
C CYS C 251 -8.33 12.36 -22.61
N ARG C 252 -8.39 12.01 -23.88
CA ARG C 252 -7.21 11.56 -24.62
C ARG C 252 -7.19 12.29 -25.97
N VAL C 253 -6.14 13.06 -26.22
CA VAL C 253 -6.04 13.86 -27.40
C VAL C 253 -5.09 13.15 -28.38
N ARG C 254 -5.57 12.97 -29.60
CA ARG C 254 -4.79 12.43 -30.71
C ARG C 254 -4.15 13.58 -31.45
N TRP C 255 -2.87 13.52 -31.79
CA TRP C 255 -2.23 14.60 -32.59
C TRP C 255 -2.22 14.30 -34.12
N LYS C 256 -2.62 15.28 -34.91
CA LYS C 256 -2.50 15.27 -36.39
C LYS C 256 -1.54 16.40 -36.72
N LYS C 257 -0.85 16.29 -37.86
CA LYS C 257 0.09 17.31 -38.32
C LYS C 257 -0.60 18.67 -38.32
N ASP C 258 0.10 19.69 -37.83
CA ASP C 258 -0.45 21.05 -37.69
C ASP C 258 -1.63 21.24 -36.75
N GLN C 259 -1.87 20.28 -35.86
CA GLN C 259 -2.87 20.51 -34.81
C GLN C 259 -2.18 21.40 -33.76
N VAL C 260 -2.88 22.42 -33.29
CA VAL C 260 -2.44 23.22 -32.17
C VAL C 260 -3.29 22.89 -30.97
N VAL C 261 -2.63 22.60 -29.85
CA VAL C 261 -3.31 22.27 -28.58
C VAL C 261 -2.90 23.31 -27.57
N VAL C 262 -3.89 23.81 -26.83
CA VAL C 262 -3.64 24.68 -25.71
C VAL C 262 -4.20 24.00 -24.45
N TRP C 263 -3.35 23.84 -23.42
CA TRP C 263 -3.85 23.36 -22.14
C TRP C 263 -3.60 24.34 -21.00
N ASP C 264 -4.55 24.35 -20.07
CA ASP C 264 -4.43 25.08 -18.84
C ASP C 264 -3.51 24.35 -17.86
N ASN C 265 -2.39 24.97 -17.54
CA ASN C 265 -1.35 24.31 -16.74
C ASN C 265 -1.66 24.34 -15.23
N LEU C 266 -2.64 25.12 -14.81
CA LEU C 266 -3.05 25.12 -13.44
C LEU C 266 -4.13 24.09 -13.11
N CYS C 267 -5.16 23.98 -13.95
CA CYS C 267 -6.30 23.15 -13.62
C CYS C 267 -6.36 21.84 -14.39
N THR C 268 -5.32 21.50 -15.16
CA THR C 268 -5.27 20.17 -15.75
C THR C 268 -3.99 19.49 -15.36
N MET C 269 -3.95 18.21 -15.60
CA MET C 269 -2.69 17.46 -15.65
C MET C 269 -2.64 16.73 -16.97
N HIS C 270 -1.46 16.28 -17.38
CA HIS C 270 -1.29 15.57 -18.62
C HIS C 270 -0.33 14.41 -18.50
N TYR C 271 -0.35 13.56 -19.52
CA TYR C 271 0.35 12.29 -19.53
C TYR C 271 0.79 11.95 -20.93
N ALA C 272 2.09 11.79 -21.14
CA ALA C 272 2.64 11.49 -22.47
C ALA C 272 2.65 10.01 -22.70
N ILE C 273 2.00 9.57 -23.75
CA ILE C 273 1.93 8.12 -24.08
C ILE C 273 3.02 7.75 -25.06
N ASN C 274 3.86 6.81 -24.66
CA ASN C 274 4.92 6.34 -25.51
C ASN C 274 4.61 4.96 -26.05
N ASP C 275 3.85 4.94 -27.12
CA ASP C 275 3.47 3.67 -27.82
C ASP C 275 3.90 3.77 -29.31
N TYR C 276 4.98 4.49 -29.58
CA TYR C 276 5.49 4.71 -30.91
C TYR C 276 6.99 4.45 -30.98
N HIS C 277 7.51 3.48 -30.24
CA HIS C 277 8.91 3.04 -30.28
C HIS C 277 9.31 2.95 -31.76
N GLY C 278 10.39 3.61 -32.11
CA GLY C 278 10.96 3.50 -33.47
C GLY C 278 10.51 4.55 -34.44
N GLN C 279 9.79 5.57 -33.98
CA GLN C 279 9.30 6.63 -34.88
C GLN C 279 9.67 7.98 -34.34
N THR C 280 9.86 8.91 -35.25
CA THR C 280 10.14 10.29 -34.90
C THR C 280 8.82 11.01 -34.45
N ARG C 281 8.94 11.77 -33.36
CA ARG C 281 7.89 12.63 -32.90
C ARG C 281 8.46 13.98 -32.52
N ILE C 282 8.07 15.01 -33.24
CA ILE C 282 8.51 16.34 -33.00
C ILE C 282 7.32 17.29 -32.83
N LEU C 283 7.29 18.02 -31.72
CA LEU C 283 6.33 19.12 -31.55
C LEU C 283 7.05 20.35 -31.02
N HIS C 284 6.45 21.50 -31.32
CA HIS C 284 7.00 22.76 -30.89
C HIS C 284 6.03 23.43 -29.95
N ARG C 285 6.58 24.15 -29.00
CA ARG C 285 5.81 24.50 -27.82
C ARG C 285 6.16 25.86 -27.33
N THR C 286 5.17 26.66 -26.99
CA THR C 286 5.41 27.89 -26.29
C THR C 286 4.68 27.83 -24.94
N THR C 287 5.27 28.47 -23.95
CA THR C 287 4.85 28.41 -22.57
C THR C 287 4.38 29.81 -22.15
N VAL C 288 3.15 29.94 -21.69
CA VAL C 288 2.67 31.21 -21.15
C VAL C 288 2.76 31.28 -19.61
N GLY C 289 3.42 32.36 -19.17
CA GLY C 289 3.75 32.60 -17.76
C GLY C 289 2.50 32.83 -16.94
N GLY C 290 2.56 32.38 -15.72
CA GLY C 290 1.45 32.59 -14.76
C GLY C 290 2.01 33.21 -13.48
N VAL C 291 1.12 33.48 -12.54
CA VAL C 291 1.42 34.02 -11.22
C VAL C 291 1.40 32.90 -10.18
N ARG C 292 1.93 33.19 -8.98
CA ARG C 292 1.91 32.27 -7.87
C ARG C 292 0.51 31.62 -7.69
N PRO C 293 0.46 30.28 -7.69
CA PRO C 293 -0.79 29.62 -7.37
C PRO C 293 -1.23 30.07 -6.00
N ALA C 294 -2.53 30.28 -5.84
CA ALA C 294 -3.04 30.74 -4.55
C ALA C 294 -4.44 30.29 -4.29
N ARG C 295 -4.83 30.28 -3.01
CA ARG C 295 -6.41 30.08 -2.74
CA ARG C 295 -6.20 29.99 -2.60
C ARG C 295 -7.19 31.02 -2.91
N HIS C 296 -6.82 32.30 -2.89
CA HIS C 296 -7.68 33.39 -3.37
C HIS C 296 -6.88 34.52 -4.13
N HIS C 297 -7.56 35.24 -5.02
CA HIS C 297 -7.00 36.47 -5.63
C HIS C 297 -7.90 37.64 -5.15
N HIS C 298 -8.09 37.61 -3.81
CA HIS C 298 -9.29 38.05 -3.01
C HIS C 298 -10.60 37.18 -3.22
N ARG D 11 7.92 9.48 45.23
CA ARG D 11 6.53 9.43 44.66
C ARG D 11 5.64 8.41 45.37
N PHE D 12 6.16 7.20 45.54
CA PHE D 12 5.34 6.07 46.02
C PHE D 12 5.84 5.61 47.38
N GLU D 13 5.00 5.75 48.42
CA GLU D 13 5.32 5.30 49.80
C GLU D 13 4.61 4.01 50.19
N ARG D 14 3.42 3.80 49.66
CA ARG D 14 2.57 2.69 50.05
C ARG D 14 2.72 1.48 49.14
N ILE D 15 3.14 1.67 47.88
CA ILE D 15 3.38 0.56 46.93
C ILE D 15 4.77 0.67 46.34
N ALA D 16 5.27 -0.44 45.80
CA ALA D 16 6.53 -0.39 45.01
C ALA D 16 6.19 -0.52 43.51
N VAL D 17 6.64 0.45 42.70
CA VAL D 17 6.33 0.54 41.27
C VAL D 17 7.62 0.38 40.43
N GLN D 18 7.69 -0.66 39.59
CA GLN D 18 8.84 -0.88 38.69
C GLN D 18 8.40 -0.77 37.20
N PRO D 19 8.69 0.38 36.55
CA PRO D 19 8.24 0.52 35.15
C PRO D 19 8.86 -0.54 34.22
N LEU D 20 8.07 -0.98 33.26
CA LEU D 20 8.45 -2.04 32.37
C LEU D 20 9.26 -1.53 31.17
N THR D 21 8.99 -0.33 30.70
CA THR D 21 9.61 0.29 29.54
C THR D 21 9.58 1.80 29.78
N GLY D 22 10.13 2.55 28.83
CA GLY D 22 10.09 4.01 28.87
C GLY D 22 8.79 4.58 28.37
N VAL D 23 7.83 3.73 27.93
CA VAL D 23 6.59 4.28 27.39
C VAL D 23 5.37 3.96 28.23
N LEU D 24 5.21 2.70 28.57
CA LEU D 24 4.11 2.28 29.41
C LEU D 24 4.41 0.95 30.08
N GLY D 25 3.59 0.65 31.09
CA GLY D 25 3.64 -0.64 31.78
C GLY D 25 4.39 -0.51 33.09
N ALA D 26 3.84 -1.08 34.16
CA ALA D 26 4.56 -1.14 35.43
C ALA D 26 4.11 -2.29 36.31
N GLU D 27 5.10 -2.89 36.96
CA GLU D 27 4.91 -3.90 37.98
C GLU D 27 4.63 -3.18 39.33
N ILE D 28 3.55 -3.59 39.97
CA ILE D 28 3.20 -3.08 41.31
C ILE D 28 3.33 -4.21 42.32
N THR D 29 4.18 -3.99 43.33
CA THR D 29 4.31 -4.92 44.48
C THR D 29 4.15 -4.17 45.82
N GLY D 30 4.20 -4.95 46.91
CA GLY D 30 4.02 -4.42 48.27
C GLY D 30 2.55 -4.15 48.59
N VAL D 31 1.67 -4.97 48.04
CA VAL D 31 0.23 -4.82 48.22
C VAL D 31 -0.40 -6.19 48.24
N ASP D 32 -1.44 -6.33 49.07
CA ASP D 32 -2.16 -7.57 49.19
C ASP D 32 -3.59 -7.30 48.77
N LEU D 33 -3.93 -7.75 47.57
CA LEU D 33 -5.26 -7.51 47.03
C LEU D 33 -6.36 -8.39 47.65
N ARG D 34 -5.98 -9.33 48.53
CA ARG D 34 -6.97 -10.02 49.38
C ARG D 34 -7.64 -9.08 50.38
N GLU D 35 -6.94 -7.99 50.72
CA GLU D 35 -7.40 -6.99 51.69
C GLU D 35 -8.01 -5.73 51.03
N PRO D 36 -8.97 -5.09 51.72
CA PRO D 36 -9.35 -3.74 51.31
C PRO D 36 -8.16 -2.77 51.39
N LEU D 37 -8.17 -1.78 50.52
CA LEU D 37 -7.06 -0.85 50.37
C LEU D 37 -7.44 0.43 51.06
N ASP D 38 -6.56 0.94 51.92
CA ASP D 38 -6.81 2.28 52.49
C ASP D 38 -6.74 3.36 51.38
N ASP D 39 -7.11 4.57 51.71
CA ASP D 39 -7.22 5.67 50.74
C ASP D 39 -5.88 6.03 50.12
N SER D 40 -4.88 6.18 50.98
CA SER D 40 -3.53 6.51 50.55
C SER D 40 -2.94 5.48 49.53
N THR D 41 -3.15 4.19 49.79
CA THR D 41 -2.68 3.09 48.93
C THR D 41 -3.46 3.06 47.59
N TRP D 42 -4.77 3.21 47.66
CA TRP D 42 -5.59 3.28 46.48
C TRP D 42 -5.15 4.43 45.61
N ASN D 43 -4.95 5.61 46.21
CA ASN D 43 -4.61 6.80 45.44
C ASN D 43 -3.29 6.63 44.71
N GLU D 44 -2.35 5.92 45.30
CA GLU D 44 -1.09 5.62 44.63
C GLU D 44 -1.24 4.64 43.48
N ILE D 45 -2.09 3.64 43.66
CA ILE D 45 -2.39 2.71 42.61
C ILE D 45 -3.05 3.45 41.43
N LEU D 46 -3.96 4.37 41.72
CA LEU D 46 -4.65 5.10 40.69
C LEU D 46 -3.69 6.03 39.96
N ASP D 47 -2.77 6.67 40.68
CA ASP D 47 -1.73 7.48 40.10
C ASP D 47 -0.91 6.65 39.11
N ALA D 48 -0.46 5.49 39.57
CA ALA D 48 0.35 4.58 38.80
C ALA D 48 -0.40 4.12 37.55
N PHE D 49 -1.69 3.81 37.69
CA PHE D 49 -2.55 3.44 36.58
C PHE D 49 -2.64 4.57 35.52
N HIS D 50 -2.85 5.78 35.97
CA HIS D 50 -2.96 6.92 35.09
C HIS D 50 -1.65 7.18 34.34
N THR D 51 -0.53 6.99 35.01
CA THR D 51 0.78 7.24 34.43
C THR D 51 1.23 6.10 33.50
N TYR D 52 1.15 4.86 34.00
CA TYR D 52 1.71 3.69 33.35
C TYR D 52 0.77 2.94 32.45
N GLN D 53 -0.52 3.16 32.62
CA GLN D 53 -1.59 2.77 31.66
C GLN D 53 -1.91 1.30 31.62
N VAL D 54 -0.92 0.46 31.85
CA VAL D 54 -1.16 -0.95 32.11
C VAL D 54 -0.30 -1.30 33.32
N ILE D 55 -0.94 -1.89 34.34
CA ILE D 55 -0.22 -2.25 35.55
C ILE D 55 -0.50 -3.71 35.89
N TYR D 56 0.50 -4.38 36.47
CA TYR D 56 0.35 -5.77 36.81
C TYR D 56 0.91 -6.07 38.24
N PHE D 57 0.21 -6.96 38.94
CA PHE D 57 0.44 -7.27 40.36
C PHE D 57 0.74 -8.77 40.41
N PRO D 58 2.02 -9.12 40.58
CA PRO D 58 2.36 -10.55 40.46
C PRO D 58 1.78 -11.60 41.38
N GLY D 59 1.74 -11.51 42.71
CA GLY D 59 1.51 -12.75 43.48
C GLY D 59 0.18 -12.68 44.19
N GLN D 60 -0.93 -12.70 43.47
CA GLN D 60 -2.20 -12.25 44.08
C GLN D 60 -3.19 -13.36 43.94
N ALA D 61 -3.10 -14.32 44.86
CA ALA D 61 -3.98 -15.50 44.87
C ALA D 61 -5.25 -15.06 45.57
N ILE D 62 -6.13 -14.45 44.79
CA ILE D 62 -7.35 -13.84 45.28
C ILE D 62 -8.54 -14.64 44.85
N THR D 63 -9.68 -14.33 45.49
CA THR D 63 -10.91 -15.03 45.08
C THR D 63 -11.74 -14.11 44.21
N ASN D 64 -12.81 -14.68 43.69
CA ASN D 64 -13.73 -13.93 42.84
C ASN D 64 -14.28 -12.66 43.48
N GLU D 65 -14.74 -12.70 44.73
CA GLU D 65 -15.29 -11.54 45.43
C GLU D 65 -14.22 -10.47 45.56
N GLN D 66 -13.01 -10.89 45.89
CA GLN D 66 -11.90 -9.93 46.01
C GLN D 66 -11.51 -9.26 44.65
N HIS D 67 -11.56 -10.05 43.57
CA HIS D 67 -11.30 -9.58 42.21
C HIS D 67 -12.36 -8.53 41.90
N ILE D 68 -13.62 -8.88 42.16
CA ILE D 68 -14.72 -7.96 41.95
C ILE D 68 -14.58 -6.68 42.77
N ALA D 69 -14.20 -6.81 44.02
CA ALA D 69 -14.11 -5.62 44.92
C ALA D 69 -12.98 -4.69 44.49
N PHE D 70 -11.83 -5.26 44.13
CA PHE D 70 -10.71 -4.49 43.54
C PHE D 70 -11.16 -3.74 42.27
N SER D 71 -11.87 -4.44 41.39
CA SER D 71 -12.38 -3.88 40.14
C SER D 71 -13.26 -2.67 40.39
N ARG D 72 -14.13 -2.79 41.41
CA ARG D 72 -15.11 -1.72 41.75
CA ARG D 72 -15.07 -1.71 41.77
C ARG D 72 -14.35 -0.42 42.19
N ARG D 73 -13.12 -0.49 42.65
CA ARG D 73 -12.42 0.76 42.96
C ARG D 73 -12.23 1.63 41.71
N PHE D 74 -12.21 1.02 40.50
CA PHE D 74 -11.93 1.77 39.24
C PHE D 74 -13.20 2.39 38.66
N GLY D 75 -14.37 1.83 38.98
CA GLY D 75 -15.66 2.22 38.39
C GLY D 75 -16.62 1.01 38.51
N PRO D 76 -17.87 1.19 38.10
CA PRO D 76 -18.83 0.10 38.19
C PRO D 76 -18.54 -1.01 37.22
N VAL D 77 -18.94 -2.22 37.52
CA VAL D 77 -18.85 -3.36 36.59
C VAL D 77 -19.91 -3.52 35.47
N ASP D 78 -19.43 -3.42 34.23
CA ASP D 78 -20.25 -3.51 33.06
C ASP D 78 -19.66 -4.60 32.13
N PRO D 79 -20.09 -5.90 32.27
CA PRO D 79 -19.67 -6.97 31.36
C PRO D 79 -19.67 -6.67 29.86
N VAL D 80 -18.68 -7.21 29.17
CA VAL D 80 -18.51 -7.08 27.72
C VAL D 80 -19.42 -8.07 26.94
N PRO D 81 -20.12 -7.59 25.89
CA PRO D 81 -21.04 -8.45 25.10
C PRO D 81 -20.58 -9.84 24.70
N LEU D 82 -19.34 -10.01 24.23
CA LEU D 82 -18.96 -11.23 23.50
C LEU D 82 -18.62 -12.45 24.37
N LEU D 83 -18.16 -12.20 25.59
CA LEU D 83 -17.52 -13.26 26.41
C LEU D 83 -18.48 -14.02 27.36
N LYS D 84 -18.26 -15.34 27.44
CA LYS D 84 -18.90 -16.19 28.47
C LYS D 84 -18.59 -15.99 30.00
N SER D 85 -19.62 -15.78 30.79
CA SER D 85 -19.50 -15.66 32.25
C SER D 85 -19.07 -16.95 32.94
N ILE D 86 -18.29 -16.84 33.99
CA ILE D 86 -18.03 -18.03 34.80
C ILE D 86 -19.23 -18.35 35.67
N GLU D 87 -19.43 -19.66 35.74
CA GLU D 87 -20.29 -20.36 36.74
C GLU D 87 -21.09 -19.69 37.87
N GLY D 88 -20.49 -19.26 38.99
CA GLY D 88 -21.25 -18.63 40.07
C GLY D 88 -21.24 -17.10 40.00
N TYR D 89 -20.65 -16.53 38.94
CA TYR D 89 -20.33 -15.08 38.92
C TYR D 89 -20.52 -14.46 37.54
N PRO D 90 -21.72 -13.90 37.27
CA PRO D 90 -21.97 -13.21 36.02
C PRO D 90 -21.03 -12.03 35.69
N GLU D 91 -20.48 -11.37 36.69
CA GLU D 91 -19.51 -10.28 36.38
C GLU D 91 -18.10 -10.73 35.95
N VAL D 92 -17.78 -12.00 36.14
CA VAL D 92 -16.45 -12.46 35.83
C VAL D 92 -16.52 -13.29 34.57
N GLN D 93 -15.72 -12.99 33.54
CA GLN D 93 -15.82 -13.64 32.21
C GLN D 93 -14.53 -14.39 31.92
N MET D 94 -14.62 -15.41 31.07
CA MET D 94 -13.48 -16.19 30.74
C MET D 94 -12.75 -15.55 29.53
N ILE D 95 -11.43 -15.57 29.59
CA ILE D 95 -10.65 -15.71 28.37
C ILE D 95 -10.06 -17.10 28.38
N ARG D 96 -10.52 -18.00 27.51
CA ARG D 96 -10.01 -19.36 27.58
C ARG D 96 -9.80 -19.96 26.23
N ARG D 97 -8.70 -20.68 26.12
CA ARG D 97 -8.37 -21.46 24.94
C ARG D 97 -7.87 -22.82 25.49
N GLU D 98 -8.35 -23.88 24.84
CA GLU D 98 -8.08 -25.28 25.27
C GLU D 98 -6.83 -25.77 24.58
N GLY D 99 -6.17 -26.77 25.18
CA GLY D 99 -5.09 -27.55 24.52
C GLY D 99 -5.40 -27.95 23.08
N ASP D 100 -6.60 -28.42 22.83
CA ASP D 100 -7.06 -28.96 21.54
C ASP D 100 -7.39 -27.92 20.42
N GLU D 101 -7.65 -26.67 20.81
CA GLU D 101 -8.36 -25.66 19.97
C GLU D 101 -7.57 -25.22 18.71
N SER D 102 -8.24 -25.14 17.57
CA SER D 102 -7.61 -24.62 16.36
C SER D 102 -8.32 -23.39 15.76
N GLY D 103 -9.44 -22.94 16.34
CA GLY D 103 -10.22 -21.81 15.80
C GLY D 103 -9.58 -20.44 15.98
N ARG D 104 -10.32 -19.42 15.54
CA ARG D 104 -9.92 -18.03 15.70
C ARG D 104 -9.51 -17.70 17.16
N VAL D 105 -8.36 -17.04 17.30
CA VAL D 105 -7.88 -16.62 18.65
C VAL D 105 -8.48 -15.24 18.96
N ILE D 106 -9.00 -15.12 20.18
CA ILE D 106 -9.59 -13.89 20.67
C ILE D 106 -8.42 -12.86 20.78
N GLY D 107 -8.61 -11.73 20.10
CA GLY D 107 -7.79 -10.56 20.17
C GLY D 107 -6.42 -10.50 19.54
N ASP D 108 -6.16 -11.25 18.47
CA ASP D 108 -4.83 -11.26 17.74
C ASP D 108 -4.65 -10.27 16.56
N ASP D 109 -5.39 -9.13 16.68
CA ASP D 109 -5.04 -7.90 16.10
C ASP D 109 -5.03 -6.82 17.13
N TRP D 110 -4.25 -5.75 16.91
CA TRP D 110 -4.20 -4.68 17.85
C TRP D 110 -5.59 -4.08 17.97
N HIS D 111 -6.09 -3.90 19.18
CA HIS D 111 -7.43 -3.34 19.39
C HIS D 111 -7.55 -2.88 20.82
N THR D 112 -8.62 -2.17 21.10
CA THR D 112 -9.08 -2.01 22.47
C THR D 112 -10.49 -2.49 22.50
N ASP D 113 -11.03 -2.80 23.68
CA ASP D 113 -12.22 -3.65 23.71
C ASP D 113 -13.51 -2.90 23.47
N SER D 114 -14.31 -3.47 22.60
CA SER D 114 -15.72 -3.16 22.46
C SER D 114 -16.01 -1.71 22.07
N THR D 115 -15.22 -1.17 21.11
CA THR D 115 -15.32 0.25 20.77
C THR D 115 -16.56 0.52 19.96
N PHE D 116 -17.21 -0.54 19.49
CA PHE D 116 -18.55 -0.47 18.88
C PHE D 116 -19.67 -0.01 19.81
N LEU D 117 -19.43 -0.01 21.12
CA LEU D 117 -20.40 0.53 22.08
C LEU D 117 -20.35 2.07 22.15
N ASP D 118 -21.51 2.71 22.46
CA ASP D 118 -21.58 4.13 22.65
C ASP D 118 -20.69 4.42 23.83
N ALA D 119 -20.66 3.55 24.84
CA ALA D 119 -19.79 3.75 26.01
C ALA D 119 -18.93 2.50 26.30
N PRO D 120 -17.76 2.38 25.64
CA PRO D 120 -16.95 1.20 25.90
C PRO D 120 -16.38 1.18 27.31
N PRO D 121 -15.90 0.00 27.76
CA PRO D 121 -15.19 -0.10 29.01
C PRO D 121 -14.11 0.93 29.23
N ALA D 122 -13.96 1.38 30.46
CA ALA D 122 -12.87 2.22 30.89
C ALA D 122 -11.64 1.38 31.18
N ALA D 123 -11.80 0.14 31.59
CA ALA D 123 -10.69 -0.63 32.09
C ALA D 123 -11.04 -2.06 32.16
N VAL D 124 -10.02 -2.90 32.19
CA VAL D 124 -10.23 -4.31 32.44
C VAL D 124 -9.22 -4.87 33.42
N VAL D 125 -9.71 -5.75 34.29
CA VAL D 125 -8.87 -6.39 35.25
C VAL D 125 -8.95 -7.87 35.09
N MET D 126 -7.81 -8.41 34.73
CA MET D 126 -7.70 -9.76 34.27
C MET D 126 -6.72 -10.50 35.15
N ARG D 127 -7.01 -11.76 35.44
CA ARG D 127 -6.23 -12.56 36.41
C ARG D 127 -5.92 -13.89 35.79
N ALA D 128 -4.67 -14.30 35.93
CA ALA D 128 -4.22 -15.58 35.39
C ALA D 128 -4.67 -16.74 36.29
N ILE D 129 -5.37 -17.72 35.71
CA ILE D 129 -5.79 -18.89 36.46
C ILE D 129 -4.88 -20.06 36.17
N ASP D 130 -4.76 -20.41 34.88
CA ASP D 130 -3.90 -21.47 34.47
C ASP D 130 -3.27 -21.06 33.13
N VAL D 131 -1.97 -20.73 33.16
CA VAL D 131 -1.26 -20.19 32.00
C VAL D 131 0.05 -20.92 31.70
N PRO D 132 0.44 -20.96 30.43
CA PRO D 132 1.68 -21.65 30.07
C PRO D 132 2.92 -21.09 30.78
N GLU D 133 3.92 -21.94 30.99
CA GLU D 133 5.13 -21.52 31.61
C GLU D 133 5.91 -20.53 30.73
N HIS D 134 5.83 -20.73 29.40
CA HIS D 134 6.32 -19.72 28.43
C HIS D 134 5.37 -19.72 27.21
N GLY D 135 4.99 -18.54 26.79
CA GLY D 135 3.89 -18.38 25.84
C GLY D 135 2.75 -17.62 26.39
N GLY D 136 1.91 -17.08 25.49
CA GLY D 136 0.70 -16.38 25.87
C GLY D 136 0.88 -14.99 26.43
N ASP D 137 1.97 -14.32 26.09
CA ASP D 137 2.13 -12.92 26.46
C ASP D 137 0.99 -12.07 25.85
N THR D 138 0.83 -10.87 26.40
CA THR D 138 -0.07 -9.90 25.84
C THR D 138 0.73 -8.64 25.56
N GLY D 139 0.64 -8.17 24.33
CA GLY D 139 1.18 -6.87 23.97
C GLY D 139 0.24 -5.74 24.37
N PHE D 140 0.83 -4.61 24.78
CA PHE D 140 0.10 -3.39 25.02
C PHE D 140 0.80 -2.23 24.34
N LEU D 141 0.07 -1.17 24.05
CA LEU D 141 0.69 0.07 23.56
C LEU D 141 -0.02 1.28 24.06
N SER D 142 0.67 2.43 24.04
CA SER D 142 0.09 3.69 24.47
C SER D 142 -0.40 4.52 23.32
N MET D 143 -1.69 4.83 23.32
CA MET D 143 -2.24 5.78 22.36
C MET D 143 -1.96 7.23 22.72
N TYR D 144 -1.47 7.53 23.91
CA TYR D 144 -1.01 8.87 24.19
C TYR D 144 0.25 9.07 23.33
N THR D 145 1.17 8.14 23.45
CA THR D 145 2.45 8.26 22.73
C THR D 145 2.23 8.21 21.20
N ALA D 146 1.28 7.39 20.74
CA ALA D 146 0.90 7.39 19.31
C ALA D 146 0.48 8.75 18.84
N TRP D 147 -0.34 9.43 19.64
CA TRP D 147 -0.80 10.76 19.29
C TRP D 147 0.30 11.81 19.33
N GLU D 148 1.15 11.72 20.33
CA GLU D 148 2.17 12.73 20.63
C GLU D 148 3.34 12.69 19.71
N THR D 149 3.51 11.60 18.98
CA THR D 149 4.59 11.50 18.00
C THR D 149 4.15 11.90 16.59
N LEU D 150 2.88 12.30 16.42
CA LEU D 150 2.44 12.89 15.15
C LEU D 150 2.90 14.36 15.11
N SER D 151 3.27 14.88 13.93
CA SER D 151 3.63 16.25 13.78
C SER D 151 2.47 17.20 14.22
N PRO D 152 2.82 18.43 14.66
CA PRO D 152 1.74 19.36 15.01
C PRO D 152 0.75 19.58 13.87
N THR D 153 1.28 19.61 12.66
CA THR D 153 0.40 19.84 11.51
C THR D 153 -0.51 18.64 11.25
N MET D 154 0.02 17.43 11.37
CA MET D 154 -0.81 16.23 11.20
C MET D 154 -1.88 16.24 12.28
N GLN D 155 -1.48 16.50 13.50
CA GLN D 155 -2.44 16.57 14.60
C GLN D 155 -3.59 17.53 14.31
N ALA D 156 -3.22 18.75 13.91
CA ALA D 156 -4.25 19.78 13.66
C ALA D 156 -5.15 19.37 12.51
N THR D 157 -4.61 18.62 11.56
CA THR D 157 -5.36 18.23 10.39
C THR D 157 -6.44 17.21 10.69
N ILE D 158 -6.20 16.29 11.62
CA ILE D 158 -7.14 15.19 11.84
C ILE D 158 -7.88 15.23 13.16
N GLU D 159 -7.47 16.14 14.06
CA GLU D 159 -8.05 16.21 15.42
C GLU D 159 -9.58 16.33 15.42
N GLY D 160 -10.16 17.03 14.44
CA GLY D 160 -11.60 17.22 14.36
C GLY D 160 -12.37 16.07 13.70
N LEU D 161 -11.69 15.02 13.24
CA LEU D 161 -12.41 13.95 12.57
C LEU D 161 -13.03 13.00 13.58
N ASN D 162 -14.11 12.35 13.18
CA ASN D 162 -14.73 11.30 13.96
C ASN D 162 -14.71 10.05 13.12
N VAL D 163 -14.84 8.91 13.79
CA VAL D 163 -14.69 7.62 13.15
C VAL D 163 -15.90 6.74 13.47
N VAL D 164 -16.35 6.00 12.46
CA VAL D 164 -17.46 5.08 12.63
C VAL D 164 -16.94 3.75 13.09
N HIS D 165 -17.44 3.25 14.23
CA HIS D 165 -17.10 1.93 14.74
C HIS D 165 -18.30 0.97 14.61
N SER D 166 -18.03 -0.29 14.31
CA SER D 166 -18.99 -1.37 14.47
C SER D 166 -18.33 -2.70 14.64
N ALA D 167 -19.09 -3.69 15.09
CA ALA D 167 -18.60 -5.05 15.26
C ALA D 167 -18.82 -5.93 14.06
N THR D 168 -19.05 -5.33 12.89
CA THR D 168 -19.44 -6.14 11.75
C THR D 168 -18.43 -7.27 11.40
N ARG D 169 -17.12 -7.03 11.62
CA ARG D 169 -16.09 -8.07 11.26
C ARG D 169 -15.86 -9.09 12.39
N VAL D 170 -16.44 -8.84 13.55
CA VAL D 170 -16.27 -9.70 14.71
C VAL D 170 -17.49 -10.60 14.91
N PHE D 171 -18.69 -10.02 14.91
CA PHE D 171 -19.90 -10.84 14.98
C PHE D 171 -21.11 -10.35 14.18
N GLY D 172 -20.88 -9.51 13.17
CA GLY D 172 -21.93 -9.00 12.29
C GLY D 172 -21.85 -9.66 10.91
N SER D 173 -22.36 -8.98 9.90
CA SER D 173 -22.48 -9.55 8.57
C SER D 173 -21.14 -9.90 7.89
N LEU D 174 -20.11 -9.08 8.09
CA LEU D 174 -18.82 -9.38 7.46
C LEU D 174 -18.17 -10.61 8.08
N TYR D 175 -18.27 -10.75 9.38
CA TYR D 175 -17.90 -12.01 10.02
C TYR D 175 -18.66 -13.21 9.43
N GLN D 176 -19.99 -13.14 9.39
CA GLN D 176 -20.81 -14.24 8.83
C GLN D 176 -20.44 -14.59 7.40
N ALA D 177 -20.14 -13.57 6.60
CA ALA D 177 -19.69 -13.79 5.22
C ALA D 177 -18.27 -14.44 5.02
N GLN D 178 -17.46 -14.62 6.06
CA GLN D 178 -16.08 -15.18 5.94
C GLN D 178 -15.99 -16.49 6.71
N ASN D 179 -14.87 -17.24 6.54
CA ASN D 179 -14.64 -18.62 7.07
C ASN D 179 -13.80 -18.80 8.36
N ARG D 180 -13.08 -17.76 8.80
CA ARG D 180 -12.26 -17.87 10.03
C ARG D 180 -13.15 -17.75 11.32
N ARG D 181 -13.40 -18.88 11.98
CA ARG D 181 -14.45 -18.96 13.01
C ARG D 181 -13.97 -19.10 14.49
N PHE D 182 -14.60 -18.32 15.39
CA PHE D 182 -14.41 -18.49 16.84
C PHE D 182 -14.96 -19.84 17.32
N SER D 183 -14.31 -20.42 18.33
CA SER D 183 -14.83 -21.61 19.01
C SER D 183 -15.99 -21.26 19.97
N ASN D 184 -16.94 -22.18 20.16
CA ASN D 184 -17.95 -22.15 21.25
C ASN D 184 -17.38 -21.98 22.69
N THR D 185 -16.07 -22.26 22.86
CA THR D 185 -15.34 -22.29 24.15
C THR D 185 -15.44 -21.05 25.07
N SER D 186 -15.09 -19.87 24.56
CA SER D 186 -15.08 -18.65 25.42
C SER D 186 -16.11 -17.58 25.02
N VAL D 187 -16.87 -17.89 23.96
CA VAL D 187 -17.56 -16.92 23.12
C VAL D 187 -19.06 -17.26 23.06
N LYS D 188 -19.91 -16.28 23.33
CA LYS D 188 -21.38 -16.45 23.26
C LYS D 188 -21.91 -16.45 21.82
N VAL D 189 -23.06 -17.10 21.62
CA VAL D 189 -23.87 -16.90 20.38
C VAL D 189 -24.36 -15.45 20.37
N MET D 190 -24.29 -14.80 19.20
CA MET D 190 -24.47 -13.35 19.09
C MET D 190 -25.43 -12.93 17.99
N ASP D 191 -26.00 -11.73 18.16
CA ASP D 191 -26.94 -11.10 17.22
C ASP D 191 -26.22 -10.33 16.08
N VAL D 192 -26.52 -10.65 14.83
CA VAL D 192 -25.98 -9.99 13.63
C VAL D 192 -26.31 -8.49 13.51
N ASP D 193 -27.53 -8.09 13.87
CA ASP D 193 -27.91 -6.67 13.86
C ASP D 193 -27.09 -5.86 14.85
N ALA D 194 -26.83 -6.45 16.01
CA ALA D 194 -26.01 -5.80 17.02
C ALA D 194 -24.53 -5.71 16.57
N GLY D 195 -24.09 -6.70 15.77
CA GLY D 195 -22.78 -6.71 15.15
C GLY D 195 -22.61 -5.60 14.13
N ASP D 196 -23.68 -5.25 13.42
CA ASP D 196 -23.70 -4.23 12.37
C ASP D 196 -24.00 -2.81 12.87
N ARG D 197 -24.49 -2.69 14.09
CA ARG D 197 -24.89 -1.38 14.59
C ARG D 197 -23.66 -0.43 14.69
N GLU D 198 -23.79 0.76 14.13
CA GLU D 198 -22.72 1.73 14.07
C GLU D 198 -22.75 2.70 15.24
N THR D 199 -21.58 3.13 15.73
CA THR D 199 -21.51 4.23 16.65
C THR D 199 -20.40 5.13 16.15
N VAL D 200 -20.30 6.36 16.60
CA VAL D 200 -19.25 7.26 16.19
C VAL D 200 -18.50 7.80 17.35
N HIS D 201 -17.15 7.75 17.30
CA HIS D 201 -16.31 8.30 18.36
C HIS D 201 -15.33 9.29 17.75
N PRO D 202 -14.83 10.21 18.57
CA PRO D 202 -13.81 11.10 18.07
C PRO D 202 -12.55 10.30 17.77
N LEU D 203 -11.77 10.83 16.82
CA LEU D 203 -10.51 10.21 16.41
C LEU D 203 -9.46 10.48 17.48
N VAL D 204 -9.64 11.58 18.18
CA VAL D 204 -8.77 11.93 19.30
C VAL D 204 -9.63 12.17 20.52
N VAL D 205 -9.31 11.50 21.62
CA VAL D 205 -10.14 11.55 22.84
C VAL D 205 -9.35 12.07 24.03
N THR D 206 -10.05 12.73 24.96
CA THR D 206 -9.44 13.21 26.19
C THR D 206 -9.79 12.24 27.30
N HIS D 207 -8.78 11.73 27.97
CA HIS D 207 -8.99 10.75 29.03
C HIS D 207 -9.65 11.50 30.22
N PRO D 208 -10.78 11.00 30.71
CA PRO D 208 -11.49 11.75 31.77
C PRO D 208 -10.79 11.82 33.12
N GLY D 209 -9.88 10.89 33.42
CA GLY D 209 -9.06 10.91 34.64
C GLY D 209 -7.72 11.63 34.53
N SER D 210 -6.98 11.42 33.45
CA SER D 210 -5.66 12.04 33.34
C SER D 210 -5.75 13.37 32.67
N GLY D 211 -6.83 13.65 31.94
CA GLY D 211 -6.86 14.87 31.10
C GLY D 211 -6.00 14.82 29.80
N ARG D 212 -5.35 13.69 29.50
CA ARG D 212 -4.46 13.60 28.32
C ARG D 212 -5.19 13.19 27.07
N LYS D 213 -4.74 13.71 25.95
CA LYS D 213 -5.26 13.32 24.63
C LYS D 213 -4.55 12.09 24.13
N GLY D 214 -5.34 11.18 23.59
CA GLY D 214 -4.85 10.00 22.95
C GLY D 214 -5.61 9.72 21.70
N LEU D 215 -4.93 9.01 20.80
CA LEU D 215 -5.52 8.62 19.52
C LEU D 215 -6.51 7.51 19.85
N TYR D 216 -7.57 7.43 19.07
CA TYR D 216 -8.59 6.44 19.32
C TYR D 216 -9.10 5.84 18.01
N VAL D 217 -8.37 4.85 17.54
CA VAL D 217 -8.72 4.20 16.35
C VAL D 217 -8.18 2.79 16.46
N ASN D 218 -8.90 1.84 15.89
CA ASN D 218 -8.39 0.47 15.83
C ASN D 218 -8.94 -0.25 14.63
N GLN D 219 -8.19 -1.23 14.18
CA GLN D 219 -8.48 -1.92 12.91
C GLN D 219 -9.61 -2.91 13.03
N VAL D 220 -9.87 -3.39 14.22
CA VAL D 220 -10.91 -4.39 14.41
C VAL D 220 -12.33 -3.80 14.21
N TYR D 221 -12.55 -2.65 14.79
CA TYR D 221 -13.89 -2.06 14.86
C TYR D 221 -14.09 -0.81 14.00
N CYS D 222 -13.01 -0.09 13.64
CA CYS D 222 -13.20 1.14 12.82
C CYS D 222 -13.47 0.80 11.37
N GLN D 223 -14.53 1.37 10.80
CA GLN D 223 -14.94 1.15 9.43
C GLN D 223 -14.54 2.30 8.48
N ARG D 224 -14.70 3.54 8.90
CA ARG D 224 -14.47 4.70 8.01
C ARG D 224 -14.48 5.95 8.85
N ILE D 225 -14.01 7.03 8.27
CA ILE D 225 -14.10 8.31 8.90
C ILE D 225 -15.52 8.86 8.58
N GLU D 226 -16.17 9.39 9.60
CA GLU D 226 -17.49 9.98 9.47
C GLU D 226 -17.46 11.09 8.43
N GLY D 227 -18.29 10.90 7.41
CA GLY D 227 -18.50 11.87 6.38
C GLY D 227 -17.69 11.53 5.13
N MET D 228 -16.76 10.55 5.24
CA MET D 228 -15.90 10.25 4.13
C MET D 228 -16.35 8.95 3.52
N SER D 229 -15.93 8.72 2.28
CA SER D 229 -16.05 7.40 1.66
C SER D 229 -14.99 6.48 2.25
N GLU D 230 -15.17 5.19 1.96
CA GLU D 230 -14.23 4.18 2.42
C GLU D 230 -12.93 4.38 1.77
N LYS D 231 -12.93 4.68 0.48
CA LYS D 231 -11.71 4.97 -0.23
C LYS D 231 -10.95 6.15 0.37
N GLU D 232 -11.66 7.21 0.69
CA GLU D 232 -11.07 8.39 1.35
C GLU D 232 -10.50 8.03 2.69
N SER D 233 -11.14 7.10 3.40
CA SER D 233 -10.83 6.86 4.79
C SER D 233 -9.64 5.93 4.98
N GLU D 234 -9.54 4.97 4.07
CA GLU D 234 -8.64 3.83 4.25
C GLU D 234 -7.15 4.24 4.41
N PRO D 235 -6.69 5.19 3.61
CA PRO D 235 -5.30 5.58 3.75
C PRO D 235 -4.95 6.20 5.06
N LEU D 236 -5.76 7.11 5.52
CA LEU D 236 -5.58 7.68 6.83
C LEU D 236 -5.66 6.64 7.96
N LEU D 237 -6.69 5.81 7.94
CA LEU D 237 -6.82 4.80 9.03
C LEU D 237 -5.64 3.85 8.99
N SER D 238 -5.24 3.39 7.81
CA SER D 238 -4.09 2.46 7.71
C SER D 238 -2.78 3.06 8.18
N PHE D 239 -2.57 4.32 7.87
CA PHE D 239 -1.43 5.01 8.34
C PHE D 239 -1.47 5.06 9.89
N LEU D 240 -2.62 5.38 10.48
CA LEU D 240 -2.67 5.49 11.93
C LEU D 240 -2.48 4.15 12.61
N PHE D 241 -3.01 3.08 12.01
CA PHE D 241 -2.80 1.74 12.55
C PHE D 241 -1.31 1.37 12.54
N ALA D 242 -0.63 1.65 11.44
CA ALA D 242 0.79 1.32 11.33
C ALA D 242 1.60 2.21 12.30
N HIS D 243 1.25 3.48 12.39
CA HIS D 243 1.99 4.41 13.23
C HIS D 243 1.86 4.07 14.72
N ALA D 244 0.66 3.77 15.19
CA ALA D 244 0.44 3.48 16.62
C ALA D 244 1.09 2.20 17.12
N THR D 245 1.38 1.26 16.22
CA THR D 245 1.85 -0.08 16.57
C THR D 245 3.33 -0.30 16.36
N LYS D 246 4.08 0.77 16.14
CA LYS D 246 5.55 0.68 16.15
C LYS D 246 6.03 0.08 17.48
N PRO D 247 7.04 -0.80 17.42
CA PRO D 247 7.49 -1.47 18.67
C PRO D 247 7.85 -0.53 19.80
N GLU D 248 8.39 0.64 19.50
CA GLU D 248 8.78 1.53 20.56
C GLU D 248 7.64 2.15 21.33
N PHE D 249 6.38 1.98 20.88
CA PHE D 249 5.22 2.49 21.58
C PHE D 249 4.55 1.42 22.43
N THR D 250 5.22 0.32 22.64
CA THR D 250 4.61 -0.97 23.01
C THR D 250 5.32 -1.49 24.24
N CYS D 251 4.68 -2.42 24.95
CA CYS D 251 5.37 -3.26 25.92
C CYS D 251 4.78 -4.63 25.78
N ARG D 252 5.40 -5.58 26.47
CA ARG D 252 4.96 -6.97 26.41
C ARG D 252 4.88 -7.53 27.84
N VAL D 253 3.70 -7.98 28.23
CA VAL D 253 3.47 -8.49 29.56
C VAL D 253 3.48 -10.02 29.53
N ARG D 254 4.30 -10.60 30.40
CA ARG D 254 4.34 -12.07 30.57
C ARG D 254 3.39 -12.42 31.72
N TRP D 255 2.55 -13.43 31.57
CA TRP D 255 1.66 -13.84 32.67
C TRP D 255 2.24 -15.00 33.51
N LYS D 256 2.18 -14.83 34.83
CA LYS D 256 2.48 -15.90 35.82
C LYS D 256 1.18 -16.18 36.52
N LYS D 257 1.02 -17.39 37.07
CA LYS D 257 -0.19 -17.78 37.80
C LYS D 257 -0.46 -16.75 38.89
N ASP D 258 -1.72 -16.38 39.06
CA ASP D 258 -2.16 -15.35 40.01
C ASP D 258 -1.67 -13.93 39.76
N GLN D 259 -1.19 -13.64 38.55
CA GLN D 259 -0.88 -12.26 38.22
C GLN D 259 -2.21 -11.56 37.91
N VAL D 260 -2.40 -10.36 38.44
CA VAL D 260 -3.53 -9.53 38.11
C VAL D 260 -3.01 -8.38 37.26
N VAL D 261 -3.66 -8.15 36.12
CA VAL D 261 -3.30 -7.06 35.20
C VAL D 261 -4.52 -6.16 35.07
N VAL D 262 -4.28 -4.86 35.14
CA VAL D 262 -5.30 -3.89 34.87
C VAL D 262 -4.82 -3.01 33.70
N TRP D 263 -5.65 -2.87 32.67
CA TRP D 263 -5.35 -1.96 31.57
C TRP D 263 -6.41 -0.92 31.37
N ASP D 264 -5.96 0.26 30.97
CA ASP D 264 -6.82 1.35 30.56
C ASP D 264 -7.33 1.10 29.14
N ASN D 265 -8.63 0.92 29.02
CA ASN D 265 -9.24 0.52 27.75
C ASN D 265 -9.43 1.71 26.82
N LEU D 266 -9.26 2.93 27.32
CA LEU D 266 -9.35 4.09 26.47
C LEU D 266 -8.01 4.48 25.83
N CYS D 267 -6.94 4.48 26.62
CA CYS D 267 -5.68 5.00 26.15
C CYS D 267 -4.64 3.94 25.82
N THR D 268 -5.00 2.66 25.82
CA THR D 268 -4.13 1.64 25.34
C THR D 268 -4.79 0.83 24.28
N MET D 269 -3.98 0.04 23.60
CA MET D 269 -4.49 -1.09 22.79
C MET D 269 -3.71 -2.31 23.21
N HIS D 270 -4.24 -3.49 22.88
CA HIS D 270 -3.59 -4.73 23.23
C HIS D 270 -3.67 -5.75 22.15
N TYR D 271 -2.86 -6.81 22.31
CA TYR D 271 -2.66 -7.82 21.29
C TYR D 271 -2.38 -9.15 21.94
N ALA D 272 -3.20 -10.14 21.61
CA ALA D 272 -3.04 -11.51 22.19
C ALA D 272 -2.07 -12.31 21.38
N ILE D 273 -1.02 -12.80 22.01
CA ILE D 273 -0.02 -13.60 21.32
C ILE D 273 -0.32 -15.09 21.45
N ASN D 274 -0.48 -15.76 20.32
CA ASN D 274 -0.76 -17.17 20.30
C ASN D 274 0.47 -17.96 19.88
N ASP D 275 1.33 -18.21 20.84
CA ASP D 275 2.56 -19.00 20.64
C ASP D 275 2.60 -20.18 21.61
N TYR D 276 1.42 -20.68 21.98
CA TYR D 276 1.30 -21.78 22.94
C TYR D 276 0.36 -22.87 22.38
N HIS D 277 0.40 -23.12 21.07
CA HIS D 277 -0.35 -24.22 20.44
C HIS D 277 -0.23 -25.47 21.33
N GLY D 278 -1.37 -26.03 21.68
CA GLY D 278 -1.43 -27.30 22.40
C GLY D 278 -1.43 -27.22 23.92
N GLN D 279 -1.62 -26.03 24.47
CA GLN D 279 -1.62 -25.86 25.92
C GLN D 279 -2.86 -25.10 26.34
N THR D 280 -3.30 -25.39 27.54
CA THR D 280 -4.46 -24.70 28.10
C THR D 280 -4.03 -23.30 28.64
N ARG D 281 -4.86 -22.31 28.34
CA ARG D 281 -4.72 -20.96 28.87
C ARG D 281 -6.06 -20.46 29.32
N ILE D 282 -6.18 -20.24 30.61
CA ILE D 282 -7.41 -19.74 31.21
C ILE D 282 -7.14 -18.49 32.04
N LEU D 283 -7.86 -17.41 31.77
CA LEU D 283 -7.84 -16.23 32.62
C LEU D 283 -9.26 -15.74 32.86
N HIS D 284 -9.42 -15.04 33.97
CA HIS D 284 -10.72 -14.53 34.36
C HIS D 284 -10.65 -13.03 34.39
N ARG D 285 -11.75 -12.41 34.07
CA ARG D 285 -11.70 -11.01 33.69
C ARG D 285 -12.92 -10.28 34.17
N THR D 286 -12.74 -9.10 34.72
CA THR D 286 -13.86 -8.22 34.97
C THR D 286 -13.63 -6.92 34.19
N THR D 287 -14.70 -6.31 33.77
CA THR D 287 -14.71 -5.18 32.89
C THR D 287 -15.33 -4.00 33.62
N VAL D 288 -14.61 -2.89 33.72
CA VAL D 288 -15.14 -1.69 34.34
C VAL D 288 -15.68 -0.67 33.31
N GLY D 289 -16.92 -0.28 33.53
CA GLY D 289 -17.69 0.61 32.65
C GLY D 289 -17.11 1.99 32.63
N GLY D 290 -17.25 2.61 31.49
CA GLY D 290 -16.76 4.00 31.31
C GLY D 290 -17.82 4.84 30.67
N VAL D 291 -17.48 6.10 30.40
CA VAL D 291 -18.36 7.09 29.80
C VAL D 291 -18.06 7.24 28.31
N ARG D 292 -18.99 7.82 27.56
CA ARG D 292 -18.83 8.10 26.14
C ARG D 292 -17.47 8.77 25.88
N PRO D 293 -16.64 8.19 25.00
CA PRO D 293 -15.40 8.86 24.62
C PRO D 293 -15.73 10.23 24.09
N ALA D 294 -14.95 11.22 24.46
CA ALA D 294 -15.22 12.59 24.08
C ALA D 294 -13.93 13.38 23.99
N ARG D 295 -14.02 14.47 23.21
CA ARG D 295 -12.92 15.43 23.07
C ARG D 295 -12.66 16.26 24.29
N HIS D 296 -13.70 16.62 25.04
CA HIS D 296 -13.55 17.36 26.30
C HIS D 296 -14.60 16.92 27.38
N HIS D 297 -14.24 17.03 28.66
CA HIS D 297 -15.19 16.81 29.75
C HIS D 297 -15.41 18.14 30.50
N HIS D 298 -15.19 19.28 29.80
CA HIS D 298 -15.39 20.68 30.30
C HIS D 298 -16.24 21.66 29.38
N HIS D 299 -16.94 21.12 28.36
CA HIS D 299 -17.73 21.88 27.37
C HIS D 299 -16.87 22.88 26.56
CO CO E . 21.40 -4.07 14.15
C1 AKG F . 22.92 -3.48 16.12
O1 AKG F . 22.89 -4.42 15.32
O2 AKG F . 24.07 -3.14 16.63
C2 AKG F . 21.57 -2.81 16.42
O5 AKG F . 20.62 -2.64 15.60
C3 AKG F . 21.37 -2.33 17.83
C4 AKG F . 21.23 -3.47 18.85
C5 AKG F . 20.97 -2.76 20.17
O3 AKG F . 21.39 -1.55 20.39
O4 AKG F . 20.31 -3.46 20.95
CO CO G . -17.96 -5.07 -18.74
C1 AKG H . -19.61 -4.72 -19.03
O1 AKG H . -19.70 -5.28 -20.26
O2 AKG H . -19.62 -5.24 -17.72
C2 AKG H . -19.29 -3.26 -19.27
O5 AKG H . -18.41 -2.87 -18.61
C3 AKG H . -19.87 -2.24 -20.28
C4 AKG H . -18.84 -1.72 -21.33
C5 AKG H . -19.36 -0.55 -22.13
O3 AKG H . -19.94 -0.88 -23.17
O4 AKG H . -19.20 0.68 -21.76
CO CO I . 4.40 18.10 -19.27
C1 AKG J . 5.08 18.30 -21.87
O1 AKG J . 5.38 18.75 -23.02
O2 AKG J . 4.89 19.05 -20.84
C2 AKG J . 4.87 16.85 -21.72
O5 AKG J . 4.65 16.43 -20.61
C3 AKG J . 4.93 15.86 -22.89
C4 AKG J . 3.62 15.81 -23.71
C5 AKG J . 3.72 14.80 -24.86
O3 AKG J . 2.63 14.20 -25.22
O4 AKG J . 4.89 14.55 -25.37
CO CO K . -9.23 -7.41 23.93
C1 AKG L . -9.03 -9.64 25.66
O1 AKG L . -9.75 -8.65 25.47
O2 AKG L . -9.03 -10.37 26.72
C2 AKG L . -8.14 -9.88 24.57
O5 AKG L . -8.23 -9.10 23.61
C3 AKG L . -7.20 -11.07 24.70
C4 AKG L . -5.97 -10.88 25.62
C5 AKG L . -5.13 -12.16 25.74
O3 AKG L . -5.72 -13.28 25.63
O4 AKG L . -3.88 -12.10 25.94
#